data_3KVZ
#
_entry.id   3KVZ
#
_cell.length_a   79.500
_cell.length_b   70.890
_cell.length_c   102.880
_cell.angle_alpha   90.00
_cell.angle_beta   103.06
_cell.angle_gamma   90.00
#
_symmetry.space_group_name_H-M   'P 1 21 1'
#
loop_
_entity.id
_entity.type
_entity.pdbx_description
1 polymer 'Fluoroacetyl-CoA thioesterase FlK'
2 non-polymer (2R)-N-{3-[(5-fluoro-4-oxopentyl)amino]-3-oxopropyl}-2,4-dihydroxy-3,3-dimethylbutanamide
3 water water
#
_entity_poly.entity_id   1
_entity_poly.type   'polypeptide(L)'
_entity_poly.pdbx_seq_one_letter_code
;MKDGMRVGERFTHDFVVPPHKTVRHLYPESPEFAEFPEVFATGFMVGLMEWACVRAMAPYLEPGEGSLGTAICVTHTAAT
PPGLTVTVTAELRSVEGRRLSWRVSAHDGVDEIGSGTHERAVIHLEKFNAKVRQKTPAG
;
_entity_poly.pdbx_strand_id   A,B,C,D,E,F,G,H
#
loop_
_chem_comp.id
_chem_comp.type
_chem_comp.name
_chem_comp.formula
ENV non-polymer (2R)-N-{3-[(5-fluoro-4-oxopentyl)amino]-3-oxopropyl}-2,4-dihydroxy-3,3-dimethylbutanamide 'C14 H25 F N2 O5'
#
# COMPACT_ATOMS: atom_id res chain seq x y z
N MET A 5 6.72 -43.54 -27.50
CA MET A 5 6.72 -42.08 -27.82
C MET A 5 7.89 -41.33 -27.17
N ARG A 6 8.59 -40.49 -27.93
CA ARG A 6 9.84 -39.88 -27.46
C ARG A 6 9.61 -38.51 -26.83
N VAL A 7 10.31 -38.23 -25.72
CA VAL A 7 10.30 -36.92 -25.11
C VAL A 7 11.01 -35.92 -26.00
N GLY A 8 10.40 -34.74 -26.20
CA GLY A 8 11.03 -33.70 -27.02
C GLY A 8 10.54 -33.78 -28.45
N GLU A 9 9.71 -34.75 -28.75
CA GLU A 9 9.07 -34.85 -30.08
C GLU A 9 7.91 -33.86 -30.29
N ARG A 10 7.92 -33.17 -31.43
CA ARG A 10 7.07 -31.99 -31.71
C ARG A 10 6.06 -32.18 -32.87
N PHE A 11 4.86 -31.62 -32.75
CA PHE A 11 3.89 -31.58 -33.84
C PHE A 11 3.33 -30.17 -33.96
N THR A 12 3.24 -29.66 -35.17
CA THR A 12 2.48 -28.45 -35.36
C THR A 12 1.26 -28.65 -36.28
N HIS A 13 0.28 -27.79 -36.06
CA HIS A 13 -1.10 -27.85 -36.47
C HIS A 13 -1.34 -26.45 -36.97
N ASP A 14 -1.86 -26.24 -38.17
CA ASP A 14 -2.32 -24.89 -38.53
C ASP A 14 -3.83 -24.88 -38.72
N PHE A 15 -4.47 -23.80 -38.27
CA PHE A 15 -5.91 -23.69 -38.30
C PHE A 15 -6.29 -22.23 -38.55
N VAL A 16 -6.94 -21.98 -39.70
CA VAL A 16 -7.51 -20.68 -40.04
C VAL A 16 -8.79 -20.47 -39.24
N VAL A 17 -8.84 -19.36 -38.50
CA VAL A 17 -9.96 -19.10 -37.58
C VAL A 17 -11.22 -18.63 -38.32
N PRO A 18 -12.30 -19.41 -38.23
CA PRO A 18 -13.51 -19.01 -38.89
C PRO A 18 -14.36 -18.14 -37.97
N PRO A 19 -15.41 -17.51 -38.52
CA PRO A 19 -16.35 -16.67 -37.75
C PRO A 19 -17.00 -17.41 -36.57
N HIS A 20 -17.23 -18.72 -36.72
CA HIS A 20 -17.93 -19.56 -35.74
C HIS A 20 -17.04 -20.15 -34.63
N LYS A 21 -15.81 -19.67 -34.50
CA LYS A 21 -15.00 -20.05 -33.33
C LYS A 21 -14.76 -18.90 -32.34
N THR A 22 -15.65 -17.92 -32.36
CA THR A 22 -15.48 -16.76 -31.48
C THR A 22 -16.23 -17.06 -30.21
N VAL A 23 -16.21 -16.11 -29.28
CA VAL A 23 -16.71 -16.31 -27.94
C VAL A 23 -18.22 -16.63 -27.93
N ARG A 24 -19.01 -15.85 -28.68
CA ARG A 24 -20.46 -16.07 -28.86
C ARG A 24 -20.80 -17.52 -29.19
N HIS A 25 -19.91 -18.18 -29.93
CA HIS A 25 -20.20 -19.51 -30.47
C HIS A 25 -19.89 -20.68 -29.54
N LEU A 26 -19.06 -20.46 -28.52
CA LEU A 26 -18.73 -21.52 -27.56
C LEU A 26 -19.97 -21.86 -26.78
N TYR A 27 -20.63 -20.80 -26.32
CA TYR A 27 -21.95 -20.87 -25.70
C TYR A 27 -22.96 -19.94 -26.40
N PRO A 28 -23.58 -20.41 -27.49
CA PRO A 28 -24.68 -19.63 -28.03
C PRO A 28 -25.85 -19.52 -27.05
N GLU A 29 -25.83 -20.23 -25.93
CA GLU A 29 -26.91 -20.13 -24.96
C GLU A 29 -26.70 -19.00 -23.93
N SER A 30 -25.63 -18.23 -24.08
CA SER A 30 -25.30 -17.23 -23.09
C SER A 30 -25.60 -15.82 -23.55
N PRO A 31 -26.61 -15.16 -22.93
CA PRO A 31 -26.88 -13.75 -23.24
C PRO A 31 -25.68 -12.91 -22.89
N GLU A 32 -25.01 -13.32 -21.81
CA GLU A 32 -23.82 -12.69 -21.26
C GLU A 32 -22.61 -12.62 -22.20
N PHE A 33 -22.40 -13.65 -23.01
CA PHE A 33 -21.34 -13.70 -23.99
C PHE A 33 -21.70 -13.05 -25.33
N ALA A 34 -23.00 -12.92 -25.62
CA ALA A 34 -23.53 -12.59 -26.97
C ALA A 34 -23.07 -11.25 -27.60
N GLU A 35 -22.65 -10.30 -26.76
CA GLU A 35 -22.01 -9.05 -27.23
C GLU A 35 -20.50 -8.94 -26.90
N PHE A 36 -19.79 -10.08 -26.95
CA PHE A 36 -18.34 -10.10 -26.82
C PHE A 36 -17.66 -9.76 -28.16
N PRO A 37 -16.41 -9.29 -28.11
CA PRO A 37 -15.61 -9.07 -29.33
C PRO A 37 -15.49 -10.37 -30.13
N GLU A 38 -15.46 -10.22 -31.45
CA GLU A 38 -15.39 -11.36 -32.36
C GLU A 38 -13.98 -11.92 -32.46
N VAL A 39 -13.51 -12.44 -31.33
CA VAL A 39 -12.14 -12.97 -31.22
C VAL A 39 -12.19 -14.45 -30.79
N PHE A 40 -11.12 -15.16 -31.15
CA PHE A 40 -10.96 -16.62 -30.97
C PHE A 40 -11.07 -16.99 -29.48
N ALA A 41 -12.05 -17.85 -29.15
CA ALA A 41 -12.37 -18.10 -27.75
C ALA A 41 -11.32 -18.92 -27.04
N THR A 42 -11.13 -18.67 -25.75
CA THR A 42 -10.12 -19.43 -24.97
C THR A 42 -10.43 -20.92 -24.99
N GLY A 43 -11.69 -21.28 -24.75
CA GLY A 43 -12.13 -22.67 -24.81
C GLY A 43 -11.87 -23.31 -26.16
N PHE A 44 -11.90 -22.51 -27.22
CA PHE A 44 -11.62 -23.06 -28.58
C PHE A 44 -10.12 -23.21 -28.81
N MET A 45 -9.36 -22.30 -28.23
CA MET A 45 -7.93 -22.38 -28.34
C MET A 45 -7.47 -23.60 -27.55
N VAL A 46 -8.11 -23.82 -26.41
CA VAL A 46 -7.89 -25.02 -25.63
C VAL A 46 -8.15 -26.25 -26.50
N GLY A 47 -9.31 -26.30 -27.15
CA GLY A 47 -9.65 -27.42 -28.06
C GLY A 47 -8.66 -27.68 -29.17
N LEU A 48 -8.18 -26.60 -29.78
CA LEU A 48 -7.19 -26.69 -30.86
C LEU A 48 -5.84 -27.24 -30.34
N MET A 49 -5.45 -26.82 -29.14
CA MET A 49 -4.19 -27.27 -28.51
C MET A 49 -4.30 -28.75 -28.12
N GLU A 50 -5.42 -29.13 -27.52
CA GLU A 50 -5.66 -30.55 -27.23
C GLU A 50 -5.55 -31.43 -28.47
N TRP A 51 -6.32 -31.06 -29.49
CA TRP A 51 -6.35 -31.69 -30.80
C TRP A 51 -4.99 -31.99 -31.43
N ALA A 52 -4.07 -31.04 -31.36
CA ALA A 52 -2.68 -31.24 -31.79
C ALA A 52 -1.99 -32.39 -31.06
N CYS A 53 -2.31 -32.56 -29.78
CA CYS A 53 -1.67 -33.54 -28.89
C CYS A 53 -2.31 -34.91 -29.11
N VAL A 54 -3.64 -34.91 -29.26
CA VAL A 54 -4.36 -36.06 -29.79
C VAL A 54 -3.79 -36.55 -31.12
N ARG A 55 -3.52 -35.64 -32.07
CA ARG A 55 -2.93 -36.07 -33.36
C ARG A 55 -1.53 -36.62 -33.23
N ALA A 56 -0.67 -35.95 -32.45
CA ALA A 56 0.70 -36.44 -32.24
C ALA A 56 0.75 -37.80 -31.57
N MET A 57 -0.14 -38.04 -30.60
CA MET A 57 -0.14 -39.33 -29.93
C MET A 57 -0.78 -40.48 -30.70
N ALA A 58 -1.69 -40.14 -31.62
CA ALA A 58 -2.49 -41.14 -32.31
C ALA A 58 -1.70 -42.38 -32.78
N PRO A 59 -0.59 -42.20 -33.50
CA PRO A 59 -0.07 -43.43 -34.06
C PRO A 59 0.71 -44.24 -33.01
N TYR A 60 0.65 -43.82 -31.74
CA TYR A 60 1.27 -44.59 -30.66
C TYR A 60 0.29 -45.40 -29.82
N LEU A 61 -0.99 -45.31 -30.18
CA LEU A 61 -2.06 -45.96 -29.42
C LEU A 61 -2.39 -47.35 -29.94
N GLU A 62 -2.58 -48.29 -29.02
CA GLU A 62 -3.04 -49.64 -29.34
C GLU A 62 -4.54 -49.65 -29.66
N PRO A 63 -4.99 -50.52 -30.58
CA PRO A 63 -6.43 -50.62 -30.88
C PRO A 63 -7.28 -50.65 -29.61
N GLY A 64 -8.35 -49.85 -29.60
CA GLY A 64 -9.21 -49.72 -28.43
C GLY A 64 -8.61 -48.94 -27.25
N GLU A 65 -7.46 -48.32 -27.46
CA GLU A 65 -6.98 -47.31 -26.55
C GLU A 65 -7.42 -45.95 -27.07
N GLY A 66 -7.82 -45.09 -26.15
CA GLY A 66 -8.02 -43.67 -26.44
C GLY A 66 -7.27 -42.85 -25.42
N SER A 67 -7.69 -41.61 -25.23
CA SER A 67 -7.04 -40.72 -24.28
C SER A 67 -7.95 -39.55 -23.91
N LEU A 68 -7.80 -39.05 -22.69
CA LEU A 68 -8.49 -37.82 -22.28
C LEU A 68 -7.57 -36.74 -21.75
N GLY A 69 -7.93 -35.48 -21.96
CA GLY A 69 -7.23 -34.36 -21.35
C GLY A 69 -7.51 -34.32 -19.87
N THR A 70 -6.45 -34.31 -19.07
CA THR A 70 -6.61 -34.24 -17.61
C THR A 70 -6.20 -32.88 -17.01
N ALA A 71 -5.60 -32.02 -17.82
CA ALA A 71 -5.25 -30.68 -17.34
C ALA A 71 -4.92 -29.73 -18.47
N ILE A 72 -5.21 -28.44 -18.24
CA ILE A 72 -4.79 -27.41 -19.16
C ILE A 72 -4.39 -26.18 -18.37
N CYS A 73 -3.22 -25.66 -18.67
CA CYS A 73 -2.71 -24.52 -17.95
C CYS A 73 -2.02 -23.64 -18.96
N VAL A 74 -2.67 -22.56 -19.38
CA VAL A 74 -2.12 -21.74 -20.46
C VAL A 74 -2.46 -20.26 -20.22
N THR A 75 -1.68 -19.37 -20.83
CA THR A 75 -2.03 -17.94 -20.90
C THR A 75 -2.74 -17.73 -22.23
N HIS A 76 -3.52 -16.66 -22.36
CA HIS A 76 -4.11 -16.26 -23.65
C HIS A 76 -3.87 -14.76 -23.75
N THR A 77 -2.84 -14.37 -24.49
CA THR A 77 -2.22 -13.04 -24.28
C THR A 77 -2.33 -12.08 -25.45
N ALA A 78 -3.00 -12.52 -26.51
CA ALA A 78 -3.35 -11.61 -27.59
C ALA A 78 -4.65 -12.13 -28.15
N ALA A 79 -5.38 -11.26 -28.85
CA ALA A 79 -6.64 -11.68 -29.48
C ALA A 79 -6.48 -11.88 -30.98
N THR A 80 -7.33 -12.73 -31.51
CA THR A 80 -7.24 -13.14 -32.89
C THR A 80 -8.61 -13.06 -33.52
N PRO A 81 -8.80 -12.12 -34.45
CA PRO A 81 -10.03 -12.14 -35.23
C PRO A 81 -10.01 -13.29 -36.25
N PRO A 82 -11.18 -13.68 -36.74
CA PRO A 82 -11.30 -14.75 -37.73
C PRO A 82 -10.46 -14.38 -38.95
N GLY A 83 -9.92 -15.37 -39.66
CA GLY A 83 -9.14 -15.09 -40.89
C GLY A 83 -7.63 -15.25 -40.76
N LEU A 84 -7.08 -14.99 -39.56
CA LEU A 84 -5.69 -15.33 -39.28
C LEU A 84 -5.53 -16.85 -39.06
N THR A 85 -4.35 -17.39 -39.37
CA THR A 85 -4.05 -18.81 -39.12
C THR A 85 -3.44 -18.93 -37.74
N VAL A 86 -4.04 -19.75 -36.86
CA VAL A 86 -3.43 -20.05 -35.57
C VAL A 86 -2.56 -21.29 -35.76
N THR A 87 -1.27 -21.18 -35.42
CA THR A 87 -0.36 -22.30 -35.50
C THR A 87 -0.12 -22.73 -34.07
N VAL A 88 -0.41 -24.00 -33.80
CA VAL A 88 -0.19 -24.57 -32.52
C VAL A 88 0.98 -25.55 -32.62
N THR A 89 1.96 -25.36 -31.72
CA THR A 89 3.06 -26.32 -31.53
C THR A 89 2.92 -27.10 -30.23
N ALA A 90 2.92 -28.43 -30.36
CA ALA A 90 3.00 -29.33 -29.20
C ALA A 90 4.38 -29.99 -29.10
N GLU A 91 4.99 -29.87 -27.93
CA GLU A 91 6.19 -30.63 -27.64
C GLU A 91 6.01 -31.54 -26.40
N LEU A 92 6.23 -32.83 -26.57
CA LEU A 92 6.09 -33.78 -25.46
C LEU A 92 7.24 -33.60 -24.43
N ARG A 93 6.86 -33.37 -23.16
CA ARG A 93 7.83 -33.10 -22.09
C ARG A 93 8.01 -34.29 -21.11
N SER A 94 7.01 -35.15 -20.99
CA SER A 94 7.13 -36.34 -20.15
C SER A 94 6.04 -37.36 -20.43
N VAL A 95 6.39 -38.63 -20.21
CA VAL A 95 5.50 -39.79 -20.37
C VAL A 95 5.66 -40.67 -19.12
N GLU A 96 4.56 -41.18 -18.58
CA GLU A 96 4.62 -41.95 -17.33
C GLU A 96 4.12 -43.40 -17.47
N GLY A 97 4.35 -44.02 -18.63
CA GLY A 97 3.45 -45.09 -19.05
C GLY A 97 2.11 -44.50 -19.50
N ARG A 98 1.13 -44.38 -18.58
CA ARG A 98 -0.24 -43.91 -18.94
C ARG A 98 -0.40 -42.40 -19.20
N ARG A 99 0.57 -41.60 -18.74
CA ARG A 99 0.34 -40.15 -18.58
C ARG A 99 1.35 -39.31 -19.34
N LEU A 100 0.86 -38.50 -20.28
CA LEU A 100 1.72 -37.62 -21.09
C LEU A 100 1.52 -36.14 -20.74
N SER A 101 2.59 -35.38 -20.83
CA SER A 101 2.50 -33.95 -20.58
C SER A 101 3.19 -33.16 -21.68
N TRP A 102 2.42 -32.30 -22.32
CA TRP A 102 2.88 -31.55 -23.50
C TRP A 102 3.12 -30.09 -23.14
N ARG A 103 4.18 -29.51 -23.68
CA ARG A 103 4.23 -28.06 -23.75
C ARG A 103 3.59 -27.59 -25.07
N VAL A 104 2.56 -26.76 -24.95
CA VAL A 104 1.82 -26.25 -26.09
C VAL A 104 2.04 -24.73 -26.18
N SER A 105 2.20 -24.24 -27.39
CA SER A 105 2.16 -22.80 -27.63
C SER A 105 1.41 -22.54 -28.93
N ALA A 106 0.88 -21.33 -29.09
CA ALA A 106 0.16 -20.94 -30.27
C ALA A 106 0.51 -19.49 -30.60
N HIS A 107 0.62 -19.19 -31.89
CA HIS A 107 0.62 -17.82 -32.34
C HIS A 107 -0.40 -17.75 -33.47
N ASP A 108 -0.69 -16.53 -33.93
CA ASP A 108 -1.65 -16.33 -34.99
C ASP A 108 -1.05 -15.65 -36.21
N GLY A 109 0.28 -15.76 -36.34
CA GLY A 109 1.00 -15.16 -37.44
C GLY A 109 1.39 -13.72 -37.15
N VAL A 110 0.72 -13.10 -36.19
CA VAL A 110 0.90 -11.69 -35.94
C VAL A 110 1.44 -11.55 -34.54
N ASP A 111 0.78 -12.20 -33.59
CA ASP A 111 1.29 -12.27 -32.22
C ASP A 111 1.34 -13.71 -31.79
N GLU A 112 2.26 -13.93 -30.87
CA GLU A 112 2.19 -15.00 -29.91
C GLU A 112 0.90 -14.82 -29.14
N ILE A 113 0.10 -15.88 -29.04
CA ILE A 113 -1.24 -15.70 -28.45
C ILE A 113 -1.39 -16.46 -27.14
N GLY A 114 -0.54 -17.44 -26.92
CA GLY A 114 -0.69 -18.23 -25.72
C GLY A 114 0.25 -19.40 -25.59
N SER A 115 0.48 -19.74 -24.32
CA SER A 115 1.55 -20.61 -23.93
C SER A 115 1.15 -21.53 -22.80
N GLY A 116 1.70 -22.74 -22.78
CA GLY A 116 1.61 -23.50 -21.55
C GLY A 116 1.74 -25.00 -21.64
N THR A 117 0.96 -25.69 -20.83
CA THR A 117 1.06 -27.14 -20.72
C THR A 117 -0.31 -27.74 -20.75
N HIS A 118 -0.40 -28.84 -21.50
CA HIS A 118 -1.58 -29.68 -21.54
C HIS A 118 -1.15 -31.08 -21.17
N GLU A 119 -2.02 -31.76 -20.44
CA GLU A 119 -1.77 -33.14 -20.01
C GLU A 119 -2.91 -34.07 -20.35
N ARG A 120 -2.57 -35.30 -20.72
CA ARG A 120 -3.57 -36.31 -21.08
C ARG A 120 -3.18 -37.68 -20.52
N ALA A 121 -4.17 -38.56 -20.41
CA ALA A 121 -3.98 -39.92 -19.94
C ALA A 121 -4.62 -40.95 -20.88
N VAL A 122 -3.77 -41.88 -21.35
CA VAL A 122 -4.18 -43.00 -22.20
C VAL A 122 -5.16 -43.88 -21.46
N ILE A 123 -6.28 -44.21 -22.10
CA ILE A 123 -7.38 -44.95 -21.48
C ILE A 123 -7.72 -46.21 -22.26
N HIS A 124 -8.36 -47.16 -21.57
CA HIS A 124 -9.03 -48.28 -22.23
C HIS A 124 -10.46 -47.87 -22.51
N LEU A 125 -10.80 -47.72 -23.78
CA LEU A 125 -12.08 -47.10 -24.19
C LEU A 125 -13.35 -47.83 -23.77
N GLU A 126 -13.35 -49.15 -23.92
CA GLU A 126 -14.56 -49.93 -23.63
C GLU A 126 -14.87 -49.77 -22.16
N LYS A 127 -13.87 -49.95 -21.30
CA LYS A 127 -14.12 -49.84 -19.86
C LYS A 127 -14.02 -48.43 -19.28
N PHE A 128 -13.60 -47.46 -20.07
CA PHE A 128 -13.92 -46.09 -19.71
C PHE A 128 -15.40 -45.83 -20.00
N ASN A 129 -15.87 -46.28 -21.17
CA ASN A 129 -17.24 -46.01 -21.58
C ASN A 129 -18.28 -46.80 -20.81
N ALA A 130 -17.85 -47.83 -20.08
CA ALA A 130 -18.72 -48.54 -19.15
C ALA A 130 -18.93 -47.65 -17.93
N LYS A 131 -17.83 -47.17 -17.36
CA LYS A 131 -17.87 -46.36 -16.14
C LYS A 131 -18.60 -45.01 -16.31
N VAL A 132 -18.48 -44.36 -17.47
CA VAL A 132 -19.28 -43.17 -17.76
C VAL A 132 -20.76 -43.52 -17.91
N ARG A 133 -21.04 -44.71 -18.46
CA ARG A 133 -22.40 -45.18 -18.67
C ARG A 133 -23.10 -45.41 -17.33
N GLN A 134 -22.33 -45.80 -16.33
CA GLN A 134 -22.88 -45.97 -15.00
C GLN A 134 -23.13 -44.65 -14.19
N LYS A 135 -22.79 -43.50 -14.77
CA LYS A 135 -23.23 -42.22 -14.18
C LYS A 135 -24.07 -41.39 -15.16
N THR A 136 -24.56 -42.06 -16.20
CA THR A 136 -25.42 -41.44 -17.17
C THR A 136 -26.86 -41.59 -16.70
N PRO A 137 -27.59 -40.46 -16.58
CA PRO A 137 -28.98 -40.60 -16.10
C PRO A 137 -29.85 -41.33 -17.11
N MET B 5 -15.34 -5.01 -5.94
CA MET B 5 -15.97 -6.22 -5.32
C MET B 5 -15.10 -6.84 -4.22
N ARG B 6 -15.62 -7.81 -3.47
CA ARG B 6 -14.87 -8.35 -2.35
C ARG B 6 -14.14 -9.67 -2.61
N VAL B 7 -12.88 -9.73 -2.20
CA VAL B 7 -12.07 -10.94 -2.19
C VAL B 7 -12.76 -11.98 -1.30
N GLY B 8 -12.89 -13.22 -1.75
CA GLY B 8 -13.58 -14.24 -0.97
C GLY B 8 -15.02 -14.49 -1.39
N GLU B 9 -15.60 -13.53 -2.12
CA GLU B 9 -16.97 -13.62 -2.61
C GLU B 9 -17.06 -14.73 -3.64
N ARG B 10 -18.07 -15.58 -3.48
CA ARG B 10 -18.27 -16.72 -4.36
C ARG B 10 -19.52 -16.47 -5.19
N PHE B 11 -19.49 -16.88 -6.43
CA PHE B 11 -20.68 -16.90 -7.27
C PHE B 11 -20.81 -18.31 -7.84
N THR B 12 -21.99 -18.89 -7.85
CA THR B 12 -22.19 -20.22 -8.37
C THR B 12 -23.20 -20.29 -9.52
N HIS B 13 -22.96 -21.11 -10.53
CA HIS B 13 -24.05 -21.48 -11.43
C HIS B 13 -24.02 -22.88 -11.98
N ASP B 14 -25.21 -23.35 -12.33
CA ASP B 14 -25.48 -24.73 -12.73
C ASP B 14 -25.85 -24.79 -14.21
N PHE B 15 -25.58 -25.96 -14.80
CA PHE B 15 -25.68 -26.13 -16.23
C PHE B 15 -25.92 -27.61 -16.49
N VAL B 16 -27.14 -27.97 -16.93
CA VAL B 16 -27.39 -29.36 -17.34
C VAL B 16 -26.68 -29.54 -18.67
N VAL B 17 -25.75 -30.47 -18.73
CA VAL B 17 -24.95 -30.70 -19.94
C VAL B 17 -25.85 -31.31 -21.03
N PRO B 18 -26.04 -30.60 -22.16
CA PRO B 18 -26.83 -31.18 -23.24
C PRO B 18 -25.94 -32.05 -24.13
N PRO B 19 -26.52 -32.82 -25.06
CA PRO B 19 -25.76 -33.75 -25.91
C PRO B 19 -24.76 -33.01 -26.78
N HIS B 20 -25.05 -31.75 -27.06
CA HIS B 20 -24.20 -30.96 -27.93
C HIS B 20 -23.00 -30.25 -27.27
N LYS B 21 -22.62 -30.65 -26.05
CA LYS B 21 -21.44 -30.07 -25.40
C LYS B 21 -20.33 -31.05 -25.18
N THR B 22 -20.41 -32.18 -25.90
CA THR B 22 -19.44 -33.23 -25.77
C THR B 22 -18.26 -32.88 -26.66
N VAL B 23 -17.20 -33.66 -26.59
CA VAL B 23 -15.97 -33.46 -27.31
C VAL B 23 -16.13 -33.28 -28.83
N ARG B 24 -16.90 -34.14 -29.47
CA ARG B 24 -17.08 -34.08 -30.93
C ARG B 24 -17.68 -32.77 -31.41
N HIS B 25 -18.39 -32.10 -30.50
CA HIS B 25 -19.10 -30.85 -30.76
C HIS B 25 -18.24 -29.61 -30.60
N LEU B 26 -17.11 -29.72 -29.92
CA LEU B 26 -16.26 -28.55 -29.74
C LEU B 26 -15.63 -28.21 -31.08
N TYR B 27 -15.12 -29.24 -31.76
CA TYR B 27 -14.67 -29.12 -33.14
C TYR B 27 -15.39 -30.13 -34.05
N PRO B 28 -16.57 -29.75 -34.54
CA PRO B 28 -17.34 -30.58 -35.45
C PRO B 28 -16.50 -30.96 -36.66
N GLU B 29 -15.57 -30.05 -37.02
CA GLU B 29 -14.64 -30.20 -38.16
C GLU B 29 -13.51 -31.23 -37.97
N SER B 30 -13.36 -31.76 -36.76
CA SER B 30 -12.24 -32.64 -36.49
C SER B 30 -12.64 -34.11 -36.67
N PRO B 31 -12.02 -34.79 -37.64
CA PRO B 31 -12.24 -36.22 -37.79
C PRO B 31 -11.60 -37.02 -36.67
N GLU B 32 -10.54 -36.49 -36.07
CA GLU B 32 -9.89 -37.18 -34.94
C GLU B 32 -10.75 -37.16 -33.66
N PHE B 33 -11.62 -36.15 -33.53
CA PHE B 33 -12.47 -36.07 -32.35
C PHE B 33 -13.78 -36.79 -32.54
N ALA B 34 -14.12 -37.00 -33.81
CA ALA B 34 -15.47 -37.40 -34.17
C ALA B 34 -15.99 -38.65 -33.43
N GLU B 35 -15.09 -39.56 -33.07
CA GLU B 35 -15.48 -40.80 -32.35
C GLU B 35 -15.04 -40.91 -30.86
N PHE B 36 -14.65 -39.79 -30.26
CA PHE B 36 -14.36 -39.68 -28.80
C PHE B 36 -15.57 -40.05 -27.93
N PRO B 37 -15.33 -40.50 -26.68
CA PRO B 37 -16.45 -40.76 -25.76
C PRO B 37 -17.39 -39.57 -25.67
N GLU B 38 -18.67 -39.84 -25.39
CA GLU B 38 -19.65 -38.78 -25.32
C GLU B 38 -19.67 -38.12 -23.95
N VAL B 39 -18.65 -37.32 -23.68
CA VAL B 39 -18.48 -36.67 -22.36
C VAL B 39 -18.22 -35.16 -22.55
N PHE B 40 -18.47 -34.36 -21.52
CA PHE B 40 -18.32 -32.89 -21.53
C PHE B 40 -16.88 -32.41 -21.87
N ALA B 41 -16.71 -31.62 -22.92
CA ALA B 41 -15.36 -31.19 -23.33
C ALA B 41 -14.65 -30.20 -22.41
N THR B 42 -13.37 -30.42 -22.17
CA THR B 42 -12.58 -29.47 -21.35
C THR B 42 -12.78 -28.03 -21.80
N GLY B 43 -12.75 -27.78 -23.13
CA GLY B 43 -12.94 -26.42 -23.65
C GLY B 43 -14.31 -25.83 -23.31
N PHE B 44 -15.31 -26.70 -23.12
CA PHE B 44 -16.65 -26.26 -22.68
C PHE B 44 -16.71 -26.06 -21.16
N MET B 45 -15.97 -26.88 -20.43
CA MET B 45 -15.77 -26.63 -19.00
C MET B 45 -15.06 -25.28 -18.77
N VAL B 46 -13.95 -25.08 -19.46
CA VAL B 46 -13.26 -23.78 -19.46
C VAL B 46 -14.28 -22.65 -19.69
N GLY B 47 -15.00 -22.69 -20.81
CA GLY B 47 -16.03 -21.67 -21.13
C GLY B 47 -17.06 -21.43 -20.05
N LEU B 48 -17.57 -22.51 -19.45
CA LEU B 48 -18.55 -22.40 -18.39
C LEU B 48 -17.97 -21.74 -17.12
N MET B 49 -16.68 -21.98 -16.84
CA MET B 49 -16.04 -21.30 -15.70
C MET B 49 -15.80 -19.80 -15.99
N GLU B 50 -15.35 -19.50 -17.21
CA GLU B 50 -15.26 -18.10 -17.62
C GLU B 50 -16.58 -17.38 -17.45
N TRP B 51 -17.65 -18.00 -17.96
CA TRP B 51 -19.02 -17.52 -17.82
C TRP B 51 -19.42 -17.26 -16.37
N ALA B 52 -18.93 -18.07 -15.45
CA ALA B 52 -19.23 -17.78 -14.04
C ALA B 52 -18.59 -16.44 -13.59
N CYS B 53 -17.34 -16.22 -14.00
CA CYS B 53 -16.65 -15.01 -13.59
C CYS B 53 -17.15 -13.76 -14.31
N VAL B 54 -17.45 -13.86 -15.60
CA VAL B 54 -18.15 -12.78 -16.31
C VAL B 54 -19.42 -12.34 -15.61
N ARG B 55 -20.26 -13.31 -15.25
CA ARG B 55 -21.47 -13.00 -14.53
C ARG B 55 -21.19 -12.29 -13.21
N ALA B 56 -20.31 -12.87 -12.39
CA ALA B 56 -19.96 -12.23 -11.12
C ALA B 56 -19.45 -10.80 -11.35
N MET B 57 -18.56 -10.64 -12.31
CA MET B 57 -17.92 -9.34 -12.52
C MET B 57 -18.95 -8.30 -12.95
N ALA B 58 -19.96 -8.72 -13.71
CA ALA B 58 -20.75 -7.77 -14.50
C ALA B 58 -21.32 -6.53 -13.76
N PRO B 59 -21.80 -6.67 -12.50
CA PRO B 59 -22.28 -5.48 -11.79
C PRO B 59 -21.24 -4.37 -11.59
N TYR B 60 -19.96 -4.70 -11.66
CA TYR B 60 -18.89 -3.77 -11.30
C TYR B 60 -18.22 -3.05 -12.47
N LEU B 61 -18.59 -3.39 -13.69
CA LEU B 61 -18.04 -2.73 -14.87
C LEU B 61 -18.76 -1.40 -15.15
N GLU B 62 -18.06 -0.43 -15.74
CA GLU B 62 -18.75 0.75 -16.30
C GLU B 62 -19.36 0.32 -17.62
N PRO B 63 -20.29 1.11 -18.19
CA PRO B 63 -20.69 0.82 -19.57
C PRO B 63 -19.54 0.91 -20.56
N GLY B 64 -19.65 0.17 -21.67
CA GLY B 64 -18.56 0.04 -22.65
C GLY B 64 -17.31 -0.71 -22.18
N GLU B 65 -17.26 -1.10 -20.91
CA GLU B 65 -16.19 -1.94 -20.38
C GLU B 65 -16.51 -3.42 -20.47
N GLY B 66 -15.52 -4.23 -20.84
CA GLY B 66 -15.63 -5.70 -20.71
C GLY B 66 -14.46 -6.39 -20.01
N SER B 67 -14.31 -7.69 -20.28
CA SER B 67 -13.17 -8.48 -19.78
C SER B 67 -12.86 -9.60 -20.78
N LEU B 68 -11.65 -10.14 -20.68
CA LEU B 68 -11.22 -11.26 -21.53
C LEU B 68 -10.44 -12.14 -20.60
N GLY B 69 -10.41 -13.43 -20.86
CA GLY B 69 -9.63 -14.34 -20.02
C GLY B 69 -8.19 -14.29 -20.49
N THR B 70 -7.25 -14.17 -19.54
CA THR B 70 -5.83 -14.08 -19.88
C THR B 70 -5.01 -15.28 -19.38
N ALA B 71 -5.61 -16.10 -18.53
CA ALA B 71 -4.98 -17.36 -18.19
C ALA B 71 -6.01 -18.28 -17.61
N ILE B 72 -5.78 -19.58 -17.80
CA ILE B 72 -6.62 -20.63 -17.19
C ILE B 72 -5.64 -21.72 -16.82
N CYS B 73 -5.79 -22.22 -15.59
CA CYS B 73 -4.96 -23.30 -15.08
C CYS B 73 -5.78 -24.32 -14.28
N VAL B 74 -6.28 -25.34 -14.97
CA VAL B 74 -7.28 -26.22 -14.37
C VAL B 74 -6.99 -27.68 -14.69
N THR B 75 -7.41 -28.54 -13.76
CA THR B 75 -7.38 -29.96 -13.98
C THR B 75 -8.79 -30.40 -14.41
N HIS B 76 -8.86 -31.55 -15.11
CA HIS B 76 -10.15 -32.13 -15.46
C HIS B 76 -10.11 -33.65 -15.15
N THR B 77 -10.63 -34.09 -14.02
CA THR B 77 -10.31 -35.46 -13.50
C THR B 77 -11.48 -36.46 -13.43
N ALA B 78 -12.68 -36.03 -13.79
CA ALA B 78 -13.80 -36.93 -13.95
C ALA B 78 -14.57 -36.49 -15.19
N ALA B 79 -15.08 -37.47 -15.94
CA ALA B 79 -15.81 -37.21 -17.18
C ALA B 79 -17.31 -37.15 -16.93
N THR B 80 -18.00 -36.33 -17.71
CA THR B 80 -19.40 -36.04 -17.48
C THR B 80 -20.24 -36.30 -18.74
N PRO B 81 -21.12 -37.30 -18.67
CA PRO B 81 -22.04 -37.58 -19.75
C PRO B 81 -23.14 -36.52 -19.73
N PRO B 82 -23.76 -36.25 -20.89
CA PRO B 82 -24.90 -35.34 -20.86
C PRO B 82 -25.99 -35.81 -19.89
N GLY B 83 -26.82 -34.87 -19.43
CA GLY B 83 -27.85 -35.15 -18.44
C GLY B 83 -27.48 -34.63 -17.06
N LEU B 84 -26.26 -34.90 -16.61
CA LEU B 84 -25.84 -34.39 -15.30
C LEU B 84 -25.82 -32.84 -15.23
N THR B 85 -25.97 -32.31 -14.02
CA THR B 85 -25.79 -30.87 -13.80
C THR B 85 -24.38 -30.53 -13.30
N VAL B 86 -23.70 -29.72 -14.07
CA VAL B 86 -22.39 -29.25 -13.69
C VAL B 86 -22.56 -27.96 -12.91
N THR B 87 -22.16 -28.00 -11.64
CA THR B 87 -22.11 -26.78 -10.84
C THR B 87 -20.69 -26.27 -10.81
N VAL B 88 -20.56 -25.00 -11.17
CA VAL B 88 -19.28 -24.30 -11.23
C VAL B 88 -19.34 -23.18 -10.16
N THR B 89 -18.33 -23.11 -9.28
CA THR B 89 -18.14 -21.98 -8.34
C THR B 89 -16.92 -21.13 -8.73
N ALA B 90 -17.08 -19.80 -8.77
CA ALA B 90 -15.93 -18.88 -8.94
C ALA B 90 -15.81 -18.08 -7.66
N GLU B 91 -14.62 -18.06 -7.06
CA GLU B 91 -14.37 -17.20 -5.88
C GLU B 91 -13.31 -16.17 -6.23
N LEU B 92 -13.55 -14.90 -5.89
CA LEU B 92 -12.60 -13.84 -6.25
C LEU B 92 -11.38 -14.00 -5.34
N ARG B 93 -10.20 -14.00 -5.93
CA ARG B 93 -8.94 -14.19 -5.20
C ARG B 93 -8.20 -12.86 -5.06
N SER B 94 -8.17 -12.07 -6.12
CA SER B 94 -7.53 -10.75 -6.07
C SER B 94 -8.01 -9.85 -7.18
N VAL B 95 -7.83 -8.55 -6.95
CA VAL B 95 -7.95 -7.53 -7.99
C VAL B 95 -6.70 -6.66 -7.98
N GLU B 96 -5.99 -6.60 -9.09
CA GLU B 96 -4.96 -5.60 -9.21
C GLU B 96 -5.16 -4.74 -10.44
N GLY B 97 -5.77 -3.59 -10.21
CA GLY B 97 -6.16 -2.69 -11.28
C GLY B 97 -7.11 -3.43 -12.19
N ARG B 98 -6.79 -3.47 -13.47
CA ARG B 98 -7.65 -4.06 -14.47
C ARG B 98 -7.57 -5.59 -14.52
N ARG B 99 -6.92 -6.21 -13.54
CA ARG B 99 -6.63 -7.65 -13.53
C ARG B 99 -7.34 -8.34 -12.38
N LEU B 100 -7.95 -9.48 -12.63
CA LEU B 100 -8.63 -10.23 -11.56
C LEU B 100 -8.24 -11.69 -11.65
N SER B 101 -8.15 -12.33 -10.49
CA SER B 101 -7.89 -13.76 -10.39
C SER B 101 -9.03 -14.42 -9.69
N TRP B 102 -9.43 -15.57 -10.21
CA TRP B 102 -10.49 -16.36 -9.63
C TRP B 102 -10.00 -17.76 -9.32
N ARG B 103 -10.48 -18.29 -8.21
CA ARG B 103 -10.47 -19.74 -7.98
C ARG B 103 -11.72 -20.33 -8.65
N VAL B 104 -11.55 -21.33 -9.51
CA VAL B 104 -12.72 -21.93 -10.14
C VAL B 104 -12.86 -23.43 -9.82
N SER B 105 -14.09 -23.91 -9.76
CA SER B 105 -14.32 -25.24 -9.25
C SER B 105 -15.59 -25.86 -9.85
N ALA B 106 -15.51 -27.13 -10.26
CA ALA B 106 -16.68 -27.76 -10.92
C ALA B 106 -16.90 -29.18 -10.38
N HIS B 107 -18.17 -29.53 -10.19
CA HIS B 107 -18.57 -30.90 -9.87
C HIS B 107 -19.84 -31.23 -10.69
N ASP B 108 -20.07 -32.52 -10.99
CA ASP B 108 -21.28 -32.90 -11.76
C ASP B 108 -22.44 -33.57 -10.98
N GLY B 109 -22.47 -33.35 -9.66
CA GLY B 109 -23.45 -33.98 -8.76
C GLY B 109 -23.00 -35.37 -8.31
N VAL B 110 -21.99 -35.91 -8.98
CA VAL B 110 -21.44 -37.23 -8.71
C VAL B 110 -19.96 -37.12 -8.34
N ASP B 111 -19.17 -36.49 -9.21
CA ASP B 111 -17.76 -36.28 -8.94
C ASP B 111 -17.44 -34.80 -8.96
N GLU B 112 -16.39 -34.42 -8.24
CA GLU B 112 -15.67 -33.19 -8.53
C GLU B 112 -15.04 -33.38 -9.91
N ILE B 113 -15.15 -32.43 -10.81
CA ILE B 113 -14.64 -32.73 -12.16
C ILE B 113 -13.41 -31.94 -12.54
N GLY B 114 -13.28 -30.76 -11.93
CA GLY B 114 -12.09 -29.98 -12.22
C GLY B 114 -11.97 -28.80 -11.30
N SER B 115 -10.75 -28.33 -11.13
CA SER B 115 -10.60 -27.01 -10.53
C SER B 115 -9.27 -26.33 -10.82
N GLY B 116 -9.20 -25.06 -10.47
CA GLY B 116 -7.94 -24.36 -10.47
C GLY B 116 -8.17 -22.87 -10.37
N THR B 117 -7.43 -22.13 -11.18
CA THR B 117 -7.46 -20.68 -11.24
C THR B 117 -7.76 -20.16 -12.65
N HIS B 118 -8.27 -18.93 -12.69
CA HIS B 118 -8.54 -18.25 -13.93
C HIS B 118 -8.25 -16.76 -13.78
N GLU B 119 -7.49 -16.19 -14.70
CA GLU B 119 -7.25 -14.77 -14.67
C GLU B 119 -7.94 -14.01 -15.83
N ARG B 120 -8.55 -12.85 -15.51
CA ARG B 120 -9.15 -11.94 -16.51
C ARG B 120 -8.58 -10.50 -16.48
N ALA B 121 -8.67 -9.82 -17.62
CA ALA B 121 -8.33 -8.40 -17.73
C ALA B 121 -9.53 -7.57 -18.20
N VAL B 122 -9.87 -6.53 -17.43
CA VAL B 122 -10.90 -5.59 -17.79
C VAL B 122 -10.42 -4.77 -19.00
N ILE B 123 -11.27 -4.65 -20.03
CA ILE B 123 -10.88 -3.94 -21.23
C ILE B 123 -11.91 -2.88 -21.59
N HIS B 124 -11.47 -1.85 -22.29
CA HIS B 124 -12.39 -0.92 -22.90
C HIS B 124 -12.80 -1.41 -24.30
N LEU B 125 -14.09 -1.77 -24.47
CA LEU B 125 -14.55 -2.48 -25.67
C LEU B 125 -14.31 -1.77 -26.98
N GLU B 126 -14.71 -0.50 -27.08
CA GLU B 126 -14.52 0.26 -28.33
C GLU B 126 -13.06 0.26 -28.75
N LYS B 127 -12.17 0.55 -27.80
CA LYS B 127 -10.71 0.53 -28.01
C LYS B 127 -10.17 -0.84 -28.43
N PHE B 128 -10.49 -1.88 -27.65
CA PHE B 128 -10.04 -3.22 -27.96
C PHE B 128 -10.45 -3.62 -29.38
N ASN B 129 -11.76 -3.53 -29.61
CA ASN B 129 -12.36 -3.83 -30.90
C ASN B 129 -11.67 -3.13 -32.04
N ALA B 130 -11.41 -1.83 -31.90
CA ALA B 130 -10.72 -1.08 -32.96
C ALA B 130 -9.27 -1.57 -33.18
N LYS B 131 -8.56 -1.93 -32.11
CA LYS B 131 -7.25 -2.55 -32.30
C LYS B 131 -7.32 -3.94 -32.97
N VAL B 132 -8.27 -4.76 -32.53
CA VAL B 132 -8.48 -6.09 -33.11
C VAL B 132 -8.75 -6.03 -34.61
N ARG B 133 -9.63 -5.13 -35.02
CA ARG B 133 -10.01 -5.01 -36.43
C ARG B 133 -8.79 -4.72 -37.31
N GLN B 134 -7.73 -4.18 -36.69
CA GLN B 134 -6.52 -3.75 -37.38
C GLN B 134 -5.49 -4.86 -37.65
N LYS B 135 -5.57 -5.96 -36.90
CA LYS B 135 -4.96 -7.20 -37.38
C LYS B 135 -5.88 -8.10 -38.22
N THR B 136 -7.10 -7.65 -38.53
CA THR B 136 -8.01 -8.44 -39.39
C THR B 136 -7.68 -8.25 -40.86
N PRO B 137 -7.62 -9.37 -41.62
CA PRO B 137 -7.33 -9.41 -43.08
C PRO B 137 -8.45 -8.89 -44.03
N MET C 5 16.58 6.55 -8.82
CA MET C 5 16.64 8.04 -8.94
C MET C 5 17.77 8.65 -8.12
N ARG C 6 18.55 9.53 -8.74
CA ARG C 6 19.76 10.07 -8.13
C ARG C 6 19.52 11.44 -7.49
N VAL C 7 20.09 11.67 -6.29
CA VAL C 7 20.09 12.99 -5.67
C VAL C 7 20.90 13.92 -6.56
N GLY C 8 20.46 15.18 -6.64
CA GLY C 8 21.08 16.15 -7.54
C GLY C 8 20.48 16.19 -8.92
N GLU C 9 19.71 15.17 -9.31
CA GLU C 9 19.05 15.24 -10.63
C GLU C 9 18.10 16.44 -10.70
N ARG C 10 18.14 17.15 -11.83
CA ARG C 10 17.33 18.32 -12.08
C ARG C 10 16.34 18.10 -13.23
N PHE C 11 15.17 18.71 -13.13
CA PHE C 11 14.27 18.80 -14.27
C PHE C 11 13.71 20.21 -14.38
N THR C 12 13.60 20.69 -15.60
CA THR C 12 13.11 22.03 -15.81
C THR C 12 11.87 22.06 -16.71
N HIS C 13 10.89 22.86 -16.29
CA HIS C 13 9.54 23.16 -16.86
C HIS C 13 9.34 24.59 -17.31
N ASP C 14 8.84 24.84 -18.52
CA ASP C 14 8.40 26.19 -18.90
C ASP C 14 6.86 26.24 -19.03
N PHE C 15 6.27 27.39 -18.69
CA PHE C 15 4.83 27.53 -18.77
C PHE C 15 4.49 28.98 -18.98
N VAL C 16 3.98 29.33 -20.18
CA VAL C 16 3.50 30.69 -20.45
C VAL C 16 2.20 30.92 -19.65
N VAL C 17 2.16 31.95 -18.81
CA VAL C 17 1.03 32.13 -17.90
C VAL C 17 -0.15 32.67 -18.69
N PRO C 18 -1.28 31.94 -18.67
CA PRO C 18 -2.41 32.48 -19.37
C PRO C 18 -3.22 33.33 -18.41
N PRO C 19 -4.26 34.00 -18.93
CA PRO C 19 -5.21 34.83 -18.20
C PRO C 19 -5.96 34.08 -17.11
N HIS C 20 -6.21 32.80 -17.35
CA HIS C 20 -6.99 32.00 -16.40
C HIS C 20 -6.15 31.38 -15.28
N LYS C 21 -4.89 31.77 -15.13
CA LYS C 21 -4.12 31.28 -13.99
C LYS C 21 -3.92 32.38 -12.94
N THR C 22 -4.78 33.38 -12.99
CA THR C 22 -4.70 34.41 -12.00
C THR C 22 -5.46 34.05 -10.74
N VAL C 23 -5.36 34.93 -9.74
CA VAL C 23 -5.93 34.76 -8.42
C VAL C 23 -7.44 34.53 -8.44
N ARG C 24 -8.20 35.37 -9.16
CA ARG C 24 -9.66 35.18 -9.20
C ARG C 24 -10.07 33.77 -9.72
N HIS C 25 -9.20 33.19 -10.55
CA HIS C 25 -9.48 31.89 -11.20
C HIS C 25 -9.15 30.72 -10.30
N LEU C 26 -8.40 30.96 -9.24
CA LEU C 26 -8.06 29.86 -8.36
C LEU C 26 -9.35 29.50 -7.60
N TYR C 27 -10.01 30.52 -7.10
CA TYR C 27 -11.29 30.34 -6.44
C TYR C 27 -12.37 31.26 -7.08
N PRO C 28 -13.03 30.77 -8.17
CA PRO C 28 -14.02 31.65 -8.79
C PRO C 28 -15.16 31.98 -7.83
N GLU C 29 -15.43 31.10 -6.89
CA GLU C 29 -16.54 31.25 -5.95
C GLU C 29 -16.12 32.08 -4.72
N SER C 30 -15.19 33.02 -4.90
CA SER C 30 -14.73 33.87 -3.84
C SER C 30 -14.88 35.35 -4.23
N PRO C 31 -15.82 36.03 -3.58
CA PRO C 31 -16.03 37.44 -3.87
C PRO C 31 -14.88 38.26 -3.30
N GLU C 32 -14.24 37.75 -2.25
CA GLU C 32 -13.04 38.33 -1.65
C GLU C 32 -11.78 38.36 -2.53
N PHE C 33 -11.66 37.41 -3.46
CA PHE C 33 -10.57 37.38 -4.44
C PHE C 33 -10.92 38.05 -5.76
N ALA C 34 -12.22 38.22 -6.01
CA ALA C 34 -12.70 38.57 -7.35
C ALA C 34 -12.07 39.88 -7.84
N GLU C 35 -11.73 40.76 -6.90
CA GLU C 35 -11.10 42.07 -7.21
C GLU C 35 -9.55 42.12 -7.18
N PHE C 36 -8.87 40.99 -6.99
CA PHE C 36 -7.41 40.99 -6.85
C PHE C 36 -6.62 41.44 -8.12
N PRO C 37 -5.33 41.80 -7.98
CA PRO C 37 -4.47 41.96 -9.19
C PRO C 37 -4.47 40.71 -10.11
N GLU C 38 -4.40 40.95 -11.41
CA GLU C 38 -4.43 39.83 -12.33
C GLU C 38 -3.05 39.23 -12.38
N VAL C 39 -2.62 38.61 -11.29
CA VAL C 39 -1.29 37.98 -11.28
C VAL C 39 -1.41 36.47 -11.02
N PHE C 40 -0.39 35.74 -11.45
CA PHE C 40 -0.25 34.30 -11.21
C PHE C 40 -0.38 33.93 -9.72
N ALA C 41 -1.43 33.21 -9.40
CA ALA C 41 -1.75 32.82 -8.04
C ALA C 41 -0.71 31.84 -7.46
N THR C 42 -0.38 32.01 -6.17
CA THR C 42 0.58 31.10 -5.50
C THR C 42 0.10 29.67 -5.59
N GLY C 43 -1.21 29.44 -5.45
CA GLY C 43 -1.75 28.07 -5.54
C GLY C 43 -1.40 27.46 -6.90
N PHE C 44 -1.26 28.33 -7.91
CA PHE C 44 -0.97 27.85 -9.27
C PHE C 44 0.51 27.65 -9.45
N MET C 45 1.28 28.54 -8.87
CA MET C 45 2.73 28.30 -8.78
C MET C 45 3.03 27.00 -8.04
N VAL C 46 2.45 26.85 -6.85
CA VAL C 46 2.62 25.58 -6.11
C VAL C 46 2.34 24.45 -7.10
N GLY C 47 1.21 24.52 -7.78
CA GLY C 47 0.84 23.50 -8.76
C GLY C 47 1.83 23.24 -9.86
N LEU C 48 2.41 24.30 -10.45
CA LEU C 48 3.39 24.16 -11.54
C LEU C 48 4.71 23.56 -11.01
N MET C 49 5.11 23.99 -9.82
CA MET C 49 6.27 23.36 -9.16
C MET C 49 6.05 21.86 -8.89
N GLU C 50 4.93 21.50 -8.30
CA GLU C 50 4.66 20.06 -8.05
C GLU C 50 4.69 19.23 -9.34
N TRP C 51 3.99 19.73 -10.35
CA TRP C 51 3.97 19.21 -11.70
C TRP C 51 5.37 18.90 -12.26
N ALA C 52 6.27 19.87 -12.19
CA ALA C 52 7.69 19.57 -12.47
C ALA C 52 8.19 18.31 -11.73
N CYS C 53 7.96 18.24 -10.40
CA CYS C 53 8.40 17.06 -9.60
C CYS C 53 7.69 15.76 -9.95
N VAL C 54 6.38 15.84 -10.18
CA VAL C 54 5.66 14.71 -10.75
C VAL C 54 6.32 14.13 -12.02
N ARG C 55 6.70 15.01 -12.95
CA ARG C 55 7.25 14.56 -14.24
C ARG C 55 8.66 14.00 -14.12
N ALA C 56 9.46 14.58 -13.23
CA ALA C 56 10.84 14.10 -12.99
C ALA C 56 10.85 12.66 -12.45
N MET C 57 9.89 12.35 -11.59
CA MET C 57 9.90 11.10 -10.88
C MET C 57 9.16 10.02 -11.65
N ALA C 58 8.36 10.42 -12.65
CA ALA C 58 7.51 9.46 -13.36
C ALA C 58 8.27 8.26 -13.93
N PRO C 59 9.41 8.49 -14.60
CA PRO C 59 10.20 7.38 -15.18
C PRO C 59 10.67 6.36 -14.15
N TYR C 60 10.61 6.69 -12.86
CA TYR C 60 11.09 5.84 -11.75
C TYR C 60 10.04 5.04 -10.96
N LEU C 61 8.74 5.27 -11.18
CA LEU C 61 7.73 4.52 -10.45
C LEU C 61 7.51 3.14 -11.05
N GLU C 62 7.27 2.14 -10.21
CA GLU C 62 6.88 0.81 -10.66
C GLU C 62 5.39 0.84 -11.00
N PRO C 63 4.93 -0.07 -11.86
CA PRO C 63 3.50 -0.08 -12.27
C PRO C 63 2.51 -0.15 -11.10
N GLY C 64 1.46 0.66 -11.14
CA GLY C 64 0.54 0.79 -10.00
C GLY C 64 0.99 1.69 -8.85
N GLU C 65 2.23 2.20 -8.90
CA GLU C 65 2.68 3.20 -7.93
C GLU C 65 2.27 4.57 -8.40
N GLY C 66 1.94 5.43 -7.44
CA GLY C 66 1.77 6.83 -7.75
C GLY C 66 2.48 7.68 -6.73
N SER C 67 2.09 8.94 -6.64
CA SER C 67 2.67 9.77 -5.59
C SER C 67 1.78 10.93 -5.18
N LEU C 68 1.99 11.39 -3.95
CA LEU C 68 1.24 12.50 -3.39
C LEU C 68 2.23 13.51 -2.88
N GLY C 69 1.86 14.78 -2.95
CA GLY C 69 2.65 15.82 -2.33
C GLY C 69 2.29 15.80 -0.86
N THR C 70 3.30 15.83 0.00
CA THR C 70 3.06 15.89 1.44
C THR C 70 3.53 17.17 2.12
N ALA C 71 4.22 18.05 1.41
CA ALA C 71 4.55 19.39 1.90
C ALA C 71 4.99 20.29 0.78
N ILE C 72 4.74 21.59 0.95
CA ILE C 72 5.23 22.62 0.03
C ILE C 72 5.63 23.82 0.90
N CYS C 73 6.85 24.28 0.75
CA CYS C 73 7.32 25.41 1.56
C CYS C 73 8.01 26.34 0.60
N VAL C 74 7.41 27.50 0.36
CA VAL C 74 7.93 28.37 -0.66
C VAL C 74 7.74 29.84 -0.35
N THR C 75 8.56 30.66 -0.97
CA THR C 75 8.33 32.10 -0.99
C THR C 75 7.84 32.46 -2.37
N HIS C 76 7.06 33.53 -2.43
CA HIS C 76 6.55 34.00 -3.70
C HIS C 76 6.92 35.48 -3.67
N THR C 77 7.96 35.86 -4.42
CA THR C 77 8.70 37.12 -4.19
C THR C 77 8.55 38.18 -5.27
N ALA C 78 8.02 37.82 -6.44
CA ALA C 78 7.59 38.86 -7.39
C ALA C 78 6.33 38.39 -8.11
N ALA C 79 5.57 39.31 -8.66
CA ALA C 79 4.25 39.02 -9.25
C ALA C 79 4.28 38.84 -10.77
N THR C 80 3.52 37.87 -11.28
CA THR C 80 3.63 37.55 -12.71
C THR C 80 2.33 37.78 -13.48
N PRO C 81 2.33 38.72 -14.44
CA PRO C 81 1.12 38.91 -15.22
C PRO C 81 1.12 37.90 -16.35
N PRO C 82 -0.07 37.66 -16.93
CA PRO C 82 -0.22 36.76 -18.06
C PRO C 82 0.73 37.13 -19.20
N GLY C 83 1.31 36.13 -19.86
CA GLY C 83 2.14 36.37 -21.06
C GLY C 83 3.62 36.09 -20.90
N LEU C 84 4.14 36.36 -19.70
CA LEU C 84 5.49 35.93 -19.35
C LEU C 84 5.52 34.40 -19.22
N THR C 85 6.68 33.81 -19.48
CA THR C 85 6.91 32.37 -19.28
C THR C 85 7.51 32.07 -17.89
N VAL C 86 6.85 31.21 -17.12
CA VAL C 86 7.41 30.79 -15.85
C VAL C 86 8.27 29.56 -16.09
N THR C 87 9.53 29.61 -15.65
CA THR C 87 10.42 28.46 -15.74
C THR C 87 10.63 27.95 -14.32
N VAL C 88 10.24 26.70 -14.11
CA VAL C 88 10.37 26.00 -12.82
C VAL C 88 11.48 24.98 -12.93
N THR C 89 12.35 24.90 -11.92
CA THR C 89 13.45 23.94 -11.92
C THR C 89 13.30 23.17 -10.65
N ALA C 90 13.24 21.85 -10.75
CA ALA C 90 13.11 20.97 -9.59
C ALA C 90 14.38 20.14 -9.42
N GLU C 91 14.99 20.21 -8.24
CA GLU C 91 16.25 19.48 -7.99
C GLU C 91 16.06 18.47 -6.87
N LEU C 92 16.33 17.19 -7.11
CA LEU C 92 16.22 16.20 -6.02
C LEU C 92 17.28 16.50 -4.93
N ARG C 93 16.85 16.59 -3.66
CA ARG C 93 17.73 16.83 -2.51
C ARG C 93 17.83 15.62 -1.60
N SER C 94 16.74 14.87 -1.40
CA SER C 94 16.90 13.66 -0.61
C SER C 94 15.85 12.64 -0.94
N VAL C 95 16.22 11.38 -0.81
CA VAL C 95 15.32 10.28 -1.14
C VAL C 95 15.57 9.20 -0.14
N GLU C 96 14.84 9.23 0.97
CA GLU C 96 14.88 8.14 1.93
C GLU C 96 13.57 7.32 1.82
N GLY C 97 13.69 6.11 1.27
CA GLY C 97 12.56 5.18 1.25
C GLY C 97 11.56 5.60 0.19
N ARG C 98 10.30 5.77 0.60
CA ARG C 98 9.23 6.20 -0.30
C ARG C 98 9.09 7.74 -0.32
N ARG C 99 9.86 8.42 0.52
CA ARG C 99 9.78 9.88 0.63
C ARG C 99 10.84 10.65 -0.16
N LEU C 100 10.40 11.61 -0.93
CA LEU C 100 11.27 12.36 -1.84
C LEU C 100 11.18 13.85 -1.53
N SER C 101 12.33 14.51 -1.41
CA SER C 101 12.31 15.93 -1.18
C SER C 101 13.07 16.63 -2.27
N TRP C 102 12.47 17.71 -2.78
CA TRP C 102 12.98 18.52 -3.89
C TRP C 102 13.20 19.97 -3.51
N ARG C 103 14.23 20.57 -4.08
CA ARG C 103 14.37 22.01 -4.12
C ARG C 103 13.67 22.52 -5.41
N VAL C 104 12.76 23.49 -5.28
CA VAL C 104 12.06 24.07 -6.42
C VAL C 104 12.26 25.60 -6.49
N SER C 105 12.51 26.12 -7.69
CA SER C 105 12.57 27.57 -7.86
C SER C 105 11.94 27.94 -9.18
N ALA C 106 11.57 29.22 -9.33
CA ALA C 106 10.87 29.70 -10.53
C ALA C 106 11.30 31.14 -10.82
N HIS C 107 11.40 31.50 -12.10
CA HIS C 107 11.46 32.92 -12.56
C HIS C 107 10.50 33.13 -13.74
N ASP C 108 10.06 34.35 -13.95
CA ASP C 108 9.18 34.63 -15.06
C ASP C 108 9.92 35.32 -16.22
N GLY C 109 11.24 35.20 -16.24
CA GLY C 109 12.05 35.77 -17.32
C GLY C 109 12.51 37.20 -17.03
N VAL C 110 11.82 37.89 -16.10
CA VAL C 110 12.22 39.23 -15.59
C VAL C 110 12.69 39.13 -14.13
N ASP C 111 11.89 38.47 -13.29
CA ASP C 111 12.24 38.29 -11.90
C ASP C 111 12.33 36.83 -11.54
N GLU C 112 13.14 36.53 -10.54
CA GLU C 112 12.96 35.36 -9.69
C GLU C 112 11.65 35.58 -9.01
N ILE C 113 10.77 34.57 -8.96
CA ILE C 113 9.41 34.74 -8.40
C ILE C 113 9.16 33.89 -7.17
N GLY C 114 9.98 32.85 -6.99
CA GLY C 114 10.08 32.20 -5.71
C GLY C 114 10.81 30.87 -5.67
N SER C 115 10.93 30.33 -4.47
CA SER C 115 11.74 29.14 -4.32
C SER C 115 11.45 28.49 -2.98
N GLY C 116 11.80 27.23 -2.88
CA GLY C 116 11.68 26.54 -1.64
C GLY C 116 11.78 25.05 -1.85
N THR C 117 10.95 24.32 -1.15
CA THR C 117 11.08 22.88 -1.21
C THR C 117 9.68 22.31 -1.27
N HIS C 118 9.60 21.18 -1.95
CA HIS C 118 8.39 20.41 -2.06
C HIS C 118 8.71 18.95 -1.74
N GLU C 119 7.82 18.32 -1.00
CA GLU C 119 8.07 16.92 -0.65
C GLU C 119 6.92 16.06 -1.11
N ARG C 120 7.29 14.84 -1.53
CA ARG C 120 6.37 13.88 -2.10
C ARG C 120 6.57 12.49 -1.48
N ALA C 121 5.50 11.71 -1.45
CA ALA C 121 5.55 10.35 -0.93
C ALA C 121 4.97 9.39 -1.96
N VAL C 122 5.74 8.36 -2.31
CA VAL C 122 5.31 7.35 -3.28
C VAL C 122 4.26 6.48 -2.58
N ILE C 123 3.14 6.23 -3.27
CA ILE C 123 2.03 5.40 -2.73
C ILE C 123 1.65 4.23 -3.63
N HIS C 124 1.01 3.21 -3.06
CA HIS C 124 0.31 2.22 -3.88
C HIS C 124 -1.08 2.71 -4.24
N LEU C 125 -1.32 2.97 -5.53
CA LEU C 125 -2.59 3.60 -5.93
C LEU C 125 -3.85 2.88 -5.48
N GLU C 126 -3.98 1.61 -5.80
CA GLU C 126 -5.16 0.84 -5.37
C GLU C 126 -5.37 0.89 -3.86
N LYS C 127 -4.30 0.66 -3.10
CA LYS C 127 -4.35 0.74 -1.63
C LYS C 127 -4.75 2.13 -1.12
N PHE C 128 -4.12 3.17 -1.65
CA PHE C 128 -4.46 4.55 -1.28
C PHE C 128 -5.91 4.94 -1.61
N ASN C 129 -6.36 4.59 -2.80
CA ASN C 129 -7.71 4.88 -3.28
C ASN C 129 -8.82 4.23 -2.48
N ALA C 130 -8.55 3.01 -2.01
CA ALA C 130 -9.50 2.30 -1.13
C ALA C 130 -9.62 3.06 0.18
N LYS C 131 -8.48 3.45 0.74
CA LYS C 131 -8.41 4.27 1.94
C LYS C 131 -9.22 5.57 1.78
N VAL C 132 -9.16 6.19 0.60
CA VAL C 132 -9.91 7.43 0.35
C VAL C 132 -11.41 7.14 0.24
N ARG C 133 -11.76 6.09 -0.48
CA ARG C 133 -13.15 5.65 -0.65
C ARG C 133 -13.85 5.53 0.71
N GLN C 134 -13.09 5.15 1.74
CA GLN C 134 -13.66 4.82 3.04
C GLN C 134 -13.86 6.03 3.96
N LYS C 135 -13.31 7.18 3.55
CA LYS C 135 -13.67 8.45 4.16
C LYS C 135 -14.52 9.29 3.19
N THR C 136 -14.97 8.68 2.09
CA THR C 136 -15.85 9.35 1.13
C THR C 136 -17.28 9.33 1.66
N PRO C 137 -17.91 10.51 1.73
CA PRO C 137 -19.30 10.47 2.21
C PRO C 137 -20.23 9.88 1.15
N MET D 5 -5.43 45.30 14.37
CA MET D 5 -5.26 43.81 14.29
C MET D 5 -4.69 43.30 15.61
N ARG D 6 -5.22 42.20 16.14
CA ARG D 6 -4.66 41.66 17.39
C ARG D 6 -4.04 40.25 17.30
N VAL D 7 -2.73 40.21 17.52
CA VAL D 7 -1.96 38.97 17.60
C VAL D 7 -2.70 37.88 18.37
N GLY D 8 -2.76 36.67 17.82
CA GLY D 8 -3.40 35.56 18.49
C GLY D 8 -4.90 35.41 18.24
N GLU D 9 -5.51 36.38 17.55
CA GLU D 9 -6.90 36.23 17.07
C GLU D 9 -6.96 35.12 16.01
N ARG D 10 -8.01 34.31 16.11
CA ARG D 10 -8.27 33.17 15.22
C ARG D 10 -9.51 33.53 14.39
N PHE D 11 -9.44 33.33 13.08
CA PHE D 11 -10.64 33.32 12.23
C PHE D 11 -10.74 31.90 11.65
N THR D 12 -11.93 31.33 11.57
CA THR D 12 -11.95 30.04 10.94
C THR D 12 -13.02 30.00 9.86
N HIS D 13 -12.78 29.20 8.83
CA HIS D 13 -13.44 29.39 7.56
C HIS D 13 -13.68 27.94 7.10
N ASP D 14 -14.93 27.58 6.78
CA ASP D 14 -15.30 26.21 6.41
C ASP D 14 -15.62 26.10 4.90
N PHE D 15 -15.33 24.96 4.28
CA PHE D 15 -15.55 24.80 2.85
C PHE D 15 -15.87 23.32 2.53
N VAL D 16 -17.08 23.05 2.01
CA VAL D 16 -17.40 21.68 1.57
C VAL D 16 -16.62 21.50 0.29
N VAL D 17 -15.83 20.44 0.21
CA VAL D 17 -14.99 20.16 -0.95
C VAL D 17 -15.80 19.63 -2.16
N PRO D 18 -15.90 20.44 -3.22
CA PRO D 18 -16.62 19.97 -4.39
C PRO D 18 -15.69 19.17 -5.31
N PRO D 19 -16.28 18.39 -6.24
CA PRO D 19 -15.51 17.59 -7.21
C PRO D 19 -14.57 18.43 -8.09
N HIS D 20 -14.83 19.71 -8.33
CA HIS D 20 -13.92 20.50 -9.19
C HIS D 20 -12.72 21.14 -8.52
N LYS D 21 -12.40 20.67 -7.31
CA LYS D 21 -11.23 21.15 -6.55
C LYS D 21 -10.21 20.03 -6.35
N THR D 22 -10.34 18.98 -7.16
CA THR D 22 -9.45 17.84 -7.06
C THR D 22 -8.22 18.10 -7.89
N VAL D 23 -7.23 17.21 -7.83
CA VAL D 23 -5.91 17.48 -8.43
C VAL D 23 -5.99 17.71 -9.92
N ARG D 24 -6.81 16.91 -10.61
CA ARG D 24 -6.90 17.06 -12.05
C ARG D 24 -7.45 18.42 -12.51
N HIS D 25 -8.23 19.08 -11.66
CA HIS D 25 -8.83 20.41 -11.94
C HIS D 25 -7.96 21.64 -11.65
N LEU D 26 -6.86 21.46 -10.94
CA LEU D 26 -5.91 22.56 -10.71
C LEU D 26 -5.24 22.97 -12.02
N TYR D 27 -4.76 21.98 -12.76
CA TYR D 27 -4.25 22.18 -14.11
C TYR D 27 -5.06 21.25 -14.99
N PRO D 28 -6.23 21.74 -15.47
CA PRO D 28 -7.04 20.81 -16.26
C PRO D 28 -6.25 20.45 -17.50
N GLU D 29 -5.31 21.32 -17.89
CA GLU D 29 -4.48 21.14 -19.07
C GLU D 29 -3.21 20.32 -18.83
N SER D 30 -3.26 19.43 -17.86
CA SER D 30 -2.14 18.56 -17.58
C SER D 30 -2.49 17.10 -17.87
N PRO D 31 -1.75 16.48 -18.80
CA PRO D 31 -1.97 15.05 -19.00
C PRO D 31 -1.43 14.24 -17.84
N GLU D 32 -0.34 14.69 -17.23
CA GLU D 32 0.23 14.00 -16.08
C GLU D 32 -0.70 13.95 -14.85
N PHE D 33 -1.54 14.97 -14.70
CA PHE D 33 -2.43 15.01 -13.55
C PHE D 33 -3.78 14.39 -13.80
N ALA D 34 -4.17 14.29 -15.07
CA ALA D 34 -5.54 13.98 -15.42
C ALA D 34 -6.00 12.67 -14.80
N GLU D 35 -5.04 11.84 -14.38
CA GLU D 35 -5.31 10.50 -13.86
C GLU D 35 -4.98 10.37 -12.36
N PHE D 36 -4.81 11.50 -11.68
CA PHE D 36 -4.54 11.49 -10.24
C PHE D 36 -5.78 11.14 -9.42
N PRO D 37 -5.56 10.63 -8.19
CA PRO D 37 -6.68 10.31 -7.30
C PRO D 37 -7.59 11.54 -7.10
N GLU D 38 -8.87 11.31 -6.83
CA GLU D 38 -9.84 12.39 -6.70
C GLU D 38 -9.82 13.03 -5.30
N VAL D 39 -8.73 13.70 -5.01
CA VAL D 39 -8.53 14.31 -3.67
C VAL D 39 -8.25 15.81 -3.83
N PHE D 40 -8.49 16.59 -2.77
CA PHE D 40 -8.41 18.07 -2.73
C PHE D 40 -6.95 18.47 -3.01
N ALA D 41 -6.68 19.27 -4.04
CA ALA D 41 -5.27 19.53 -4.41
C ALA D 41 -4.60 20.41 -3.37
N THR D 42 -3.30 20.20 -3.15
CA THR D 42 -2.51 21.06 -2.23
C THR D 42 -2.61 22.52 -2.67
N GLY D 43 -2.57 22.77 -3.98
CA GLY D 43 -2.65 24.16 -4.49
C GLY D 43 -4.02 24.79 -4.21
N PHE D 44 -5.06 23.96 -4.14
CA PHE D 44 -6.36 24.44 -3.66
C PHE D 44 -6.41 24.62 -2.15
N MET D 45 -5.75 23.73 -1.42
CA MET D 45 -5.58 23.93 0.05
C MET D 45 -4.83 25.24 0.35
N VAL D 46 -3.70 25.46 -0.31
CA VAL D 46 -2.96 26.73 -0.21
C VAL D 46 -3.94 27.86 -0.35
N GLY D 47 -4.68 27.87 -1.46
CA GLY D 47 -5.63 28.97 -1.73
C GLY D 47 -6.70 29.21 -0.72
N LEU D 48 -7.21 28.15 -0.10
CA LEU D 48 -8.27 28.23 0.89
C LEU D 48 -7.69 28.74 2.20
N MET D 49 -6.43 28.38 2.48
CA MET D 49 -5.73 28.93 3.65
C MET D 49 -5.47 30.43 3.44
N GLU D 50 -5.05 30.81 2.23
CA GLU D 50 -4.94 32.22 1.82
C GLU D 50 -6.25 33.01 1.93
N TRP D 51 -7.31 32.42 1.40
CA TRP D 51 -8.63 33.05 1.46
C TRP D 51 -9.03 33.35 2.90
N ALA D 52 -8.70 32.46 3.82
CA ALA D 52 -9.00 32.68 5.24
C ALA D 52 -8.25 33.87 5.83
N CYS D 53 -6.96 33.98 5.55
CA CYS D 53 -6.17 35.15 5.99
C CYS D 53 -6.60 36.47 5.33
N VAL D 54 -6.94 36.40 4.05
CA VAL D 54 -7.55 37.57 3.35
C VAL D 54 -8.83 38.08 4.03
N ARG D 55 -9.75 37.17 4.34
CA ARG D 55 -10.91 37.55 5.10
C ARG D 55 -10.55 38.13 6.49
N ALA D 56 -9.71 37.43 7.27
CA ALA D 56 -9.34 37.96 8.61
C ALA D 56 -8.75 39.38 8.57
N MET D 57 -7.91 39.66 7.58
CA MET D 57 -7.15 40.89 7.58
C MET D 57 -7.84 42.09 6.91
N ALA D 58 -9.03 41.91 6.38
CA ALA D 58 -9.63 42.96 5.57
C ALA D 58 -10.07 44.18 6.39
N PRO D 59 -10.55 43.98 7.64
CA PRO D 59 -10.96 45.19 8.36
C PRO D 59 -9.80 46.16 8.53
N TYR D 60 -8.60 45.71 8.21
CA TYR D 60 -7.45 46.49 8.58
C TYR D 60 -6.75 47.13 7.39
N LEU D 61 -7.29 46.91 6.20
CA LEU D 61 -6.83 47.61 5.01
C LEU D 61 -7.32 49.05 4.98
N GLU D 62 -6.51 49.96 4.43
CA GLU D 62 -6.94 51.33 4.18
C GLU D 62 -7.51 51.31 2.77
N PRO D 63 -8.32 52.31 2.39
CA PRO D 63 -8.83 52.17 1.01
C PRO D 63 -7.72 52.41 0.00
N GLY D 64 -7.73 51.68 -1.10
CA GLY D 64 -6.59 51.72 -2.01
C GLY D 64 -5.55 50.62 -1.80
N GLU D 65 -5.61 49.96 -0.64
CA GLU D 65 -4.66 48.90 -0.30
C GLU D 65 -5.29 47.54 -0.57
N GLY D 66 -4.50 46.59 -1.05
CA GLY D 66 -4.82 45.15 -0.93
C GLY D 66 -3.72 44.37 -0.23
N SER D 67 -3.62 43.08 -0.54
CA SER D 67 -2.51 42.26 -0.03
C SER D 67 -2.10 41.15 -1.02
N LEU D 68 -0.89 40.62 -0.85
CA LEU D 68 -0.44 39.50 -1.66
C LEU D 68 0.27 38.57 -0.72
N GLY D 69 0.17 37.26 -0.95
CA GLY D 69 0.84 36.27 -0.13
C GLY D 69 2.30 36.29 -0.53
N THR D 70 3.22 36.20 0.42
CA THR D 70 4.64 36.23 0.08
C THR D 70 5.35 34.94 0.46
N ALA D 71 4.66 34.03 1.13
CA ALA D 71 5.27 32.79 1.49
C ALA D 71 4.22 31.83 1.99
N ILE D 72 4.37 30.54 1.66
CA ILE D 72 3.57 29.51 2.33
C ILE D 72 4.44 28.33 2.73
N CYS D 73 4.25 27.83 3.93
CA CYS D 73 5.06 26.69 4.35
C CYS D 73 4.16 25.75 5.12
N VAL D 74 3.72 24.70 4.46
CA VAL D 74 2.65 23.86 5.03
C VAL D 74 2.89 22.40 4.71
N THR D 75 2.42 21.52 5.58
CA THR D 75 2.32 20.10 5.24
C THR D 75 0.94 19.75 4.66
N HIS D 76 0.88 18.59 4.03
CA HIS D 76 -0.38 18.06 3.60
C HIS D 76 -0.35 16.55 3.88
N THR D 77 -1.01 16.14 4.97
CA THR D 77 -0.73 14.85 5.63
C THR D 77 -1.87 13.84 5.54
N ALA D 78 -3.03 14.31 5.10
CA ALA D 78 -4.12 13.40 4.76
C ALA D 78 -4.84 13.89 3.51
N ALA D 79 -5.47 12.96 2.82
CA ALA D 79 -6.14 13.27 1.58
C ALA D 79 -7.64 13.34 1.81
N THR D 80 -8.31 14.15 1.00
CA THR D 80 -9.70 14.52 1.27
C THR D 80 -10.55 14.39 0.00
N PRO D 81 -11.46 13.41 -0.02
CA PRO D 81 -12.36 13.27 -1.18
C PRO D 81 -13.37 14.40 -1.15
N PRO D 82 -14.05 14.65 -2.28
CA PRO D 82 -15.19 15.58 -2.26
C PRO D 82 -16.33 15.16 -1.32
N GLY D 83 -17.08 16.17 -0.87
CA GLY D 83 -18.15 15.94 0.11
C GLY D 83 -17.78 16.25 1.54
N LEU D 84 -16.51 16.04 1.91
CA LEU D 84 -16.04 16.41 3.26
C LEU D 84 -15.97 17.94 3.41
N THR D 85 -16.25 18.45 4.62
CA THR D 85 -16.03 19.86 4.97
C THR D 85 -14.62 20.11 5.52
N VAL D 86 -13.85 20.93 4.82
CA VAL D 86 -12.53 21.29 5.26
C VAL D 86 -12.69 22.57 6.07
N THR D 87 -12.13 22.57 7.28
CA THR D 87 -12.13 23.73 8.18
C THR D 87 -10.69 24.22 8.28
N VAL D 88 -10.48 25.44 7.83
CA VAL D 88 -9.19 26.13 7.94
C VAL D 88 -9.31 27.14 9.07
N THR D 89 -8.32 27.12 9.95
CA THR D 89 -8.12 28.10 11.02
C THR D 89 -6.87 28.94 10.69
N ALA D 90 -7.02 30.26 10.75
CA ALA D 90 -5.94 31.20 10.46
C ALA D 90 -5.73 31.99 11.74
N GLU D 91 -4.54 31.87 12.32
CA GLU D 91 -4.28 32.55 13.59
C GLU D 91 -3.19 33.60 13.39
N LEU D 92 -3.45 34.84 13.84
CA LEU D 92 -2.48 35.92 13.63
C LEU D 92 -1.28 35.75 14.56
N ARG D 93 -0.10 35.54 13.98
CA ARG D 93 1.12 35.47 14.79
C ARG D 93 1.81 36.85 14.92
N SER D 94 1.71 37.70 13.90
CA SER D 94 2.33 39.03 13.98
C SER D 94 1.84 40.02 12.91
N VAL D 95 1.81 41.30 13.26
CA VAL D 95 1.52 42.38 12.33
C VAL D 95 2.64 43.37 12.50
N GLU D 96 3.39 43.65 11.45
CA GLU D 96 4.46 44.64 11.54
C GLU D 96 4.36 45.53 10.31
N GLY D 97 3.55 46.58 10.44
CA GLY D 97 3.37 47.53 9.35
C GLY D 97 2.65 46.92 8.18
N ARG D 98 3.41 46.66 7.11
CA ARG D 98 2.90 46.07 5.89
C ARG D 98 3.03 44.54 5.90
N ARG D 99 3.75 43.99 6.86
CA ARG D 99 3.92 42.54 6.89
C ARG D 99 3.08 41.83 7.96
N LEU D 100 2.28 40.85 7.55
CA LEU D 100 1.42 40.07 8.47
C LEU D 100 1.81 38.61 8.36
N SER D 101 1.83 37.86 9.48
CA SER D 101 2.02 36.38 9.41
C SER D 101 1.03 35.58 10.23
N TRP D 102 0.77 34.37 9.77
CA TRP D 102 -0.31 33.58 10.29
C TRP D 102 0.18 32.17 10.48
N ARG D 103 -0.41 31.51 11.45
CA ARG D 103 -0.42 30.06 11.51
C ARG D 103 -1.75 29.58 10.89
N VAL D 104 -1.64 28.77 9.85
CA VAL D 104 -2.79 28.19 9.18
C VAL D 104 -2.86 26.69 9.49
N SER D 105 -4.08 26.19 9.62
CA SER D 105 -4.32 24.79 9.99
C SER D 105 -5.65 24.30 9.33
N ALA D 106 -5.73 23.02 8.90
CA ALA D 106 -6.92 22.46 8.23
C ALA D 106 -7.23 21.03 8.74
N HIS D 107 -8.52 20.74 8.92
CA HIS D 107 -8.96 19.37 9.01
C HIS D 107 -10.16 19.17 8.04
N ASP D 108 -10.49 17.91 7.73
CA ASP D 108 -11.70 17.65 6.96
C ASP D 108 -12.80 16.98 7.79
N GLY D 109 -12.64 17.00 9.11
CA GLY D 109 -13.68 16.54 10.02
C GLY D 109 -13.49 15.05 10.34
N VAL D 110 -12.61 14.42 9.58
CA VAL D 110 -12.15 13.06 9.81
C VAL D 110 -10.70 13.10 10.25
N ASP D 111 -9.81 13.67 9.42
CA ASP D 111 -8.37 13.78 9.75
C ASP D 111 -7.93 15.25 9.80
N GLU D 112 -6.86 15.56 10.54
CA GLU D 112 -6.14 16.80 10.32
C GLU D 112 -5.43 16.67 8.96
N ILE D 113 -5.52 17.69 8.11
CA ILE D 113 -5.04 17.52 6.74
C ILE D 113 -3.75 18.28 6.45
N GLY D 114 -3.45 19.27 7.27
CA GLY D 114 -2.21 20.02 7.10
C GLY D 114 -2.12 21.24 7.98
N SER D 115 -0.90 21.72 8.15
CA SER D 115 -0.71 22.91 8.92
C SER D 115 0.64 23.52 8.62
N GLY D 116 0.82 24.75 9.09
CA GLY D 116 2.06 25.46 8.83
C GLY D 116 1.83 26.95 8.94
N THR D 117 2.47 27.72 8.07
CA THR D 117 2.50 29.19 8.18
C THR D 117 2.22 29.88 6.86
N HIS D 118 1.86 31.16 6.93
CA HIS D 118 1.60 31.94 5.74
C HIS D 118 1.95 33.40 6.02
N GLU D 119 2.64 34.04 5.09
CA GLU D 119 2.94 35.47 5.21
C GLU D 119 2.27 36.26 4.08
N ARG D 120 1.78 37.48 4.39
CA ARG D 120 1.22 38.40 3.39
C ARG D 120 1.84 39.79 3.53
N ALA D 121 1.78 40.54 2.44
CA ALA D 121 2.22 41.92 2.41
C ALA D 121 1.05 42.78 1.94
N VAL D 122 0.81 43.87 2.70
CA VAL D 122 -0.05 44.98 2.29
C VAL D 122 0.52 45.76 1.12
N ILE D 123 -0.30 45.94 0.09
CA ILE D 123 0.15 46.61 -1.11
C ILE D 123 -0.72 47.80 -1.39
N HIS D 124 -0.21 48.72 -1.99
N HIS D 124 -0.12 48.77 -2.05
CA HIS D 124 -0.93 49.93 -2.45
CA HIS D 124 -0.71 49.86 -2.82
C HIS D 124 -1.43 49.75 -3.87
C HIS D 124 -1.25 49.35 -4.16
N LEU D 125 -2.57 49.26 -4.34
CA LEU D 125 -3.15 48.70 -5.57
C LEU D 125 -2.73 49.43 -6.85
N GLU D 126 -2.81 50.76 -6.84
CA GLU D 126 -2.45 51.56 -8.00
C GLU D 126 -0.96 51.48 -8.32
N LYS D 127 -0.12 51.66 -7.30
CA LYS D 127 1.31 51.53 -7.49
C LYS D 127 1.69 50.11 -7.89
N PHE D 128 1.18 49.11 -7.18
CA PHE D 128 1.40 47.72 -7.58
C PHE D 128 0.98 47.48 -9.02
N ASN D 129 -0.28 47.77 -9.35
CA ASN D 129 -0.79 47.54 -10.71
C ASN D 129 0.08 48.23 -11.77
N ALA D 130 0.45 49.48 -11.53
CA ALA D 130 1.41 50.18 -12.43
C ALA D 130 2.65 49.33 -12.66
N LYS D 131 3.29 48.94 -11.57
CA LYS D 131 4.45 48.07 -11.62
C LYS D 131 4.19 46.80 -12.44
N VAL D 132 3.03 46.17 -12.23
CA VAL D 132 2.73 44.93 -12.94
C VAL D 132 2.59 45.20 -14.44
N ARG D 133 1.99 46.34 -14.79
CA ARG D 133 1.87 46.75 -16.18
C ARG D 133 3.23 46.92 -16.81
N GLN D 134 4.23 47.38 -16.06
CA GLN D 134 5.56 47.58 -16.65
C GLN D 134 6.21 46.27 -17.11
N LYS D 135 5.79 45.15 -16.53
CA LYS D 135 6.35 43.85 -16.92
C LYS D 135 5.40 42.97 -17.75
N THR D 136 4.27 43.53 -18.19
CA THR D 136 3.38 42.82 -19.10
C THR D 136 3.88 42.97 -20.53
N PRO D 137 3.98 41.85 -21.27
CA PRO D 137 4.30 41.92 -22.70
C PRO D 137 3.17 42.59 -23.50
N MET E 5 -24.64 -28.82 10.42
CA MET E 5 -23.68 -27.67 10.30
C MET E 5 -24.27 -26.53 9.51
N ARG E 6 -24.07 -25.30 9.96
CA ARG E 6 -24.76 -24.15 9.37
C ARG E 6 -23.83 -23.22 8.60
N VAL E 7 -24.01 -23.14 7.29
CA VAL E 7 -23.34 -22.13 6.48
C VAL E 7 -23.44 -20.84 7.27
N GLY E 8 -22.34 -20.10 7.39
CA GLY E 8 -22.32 -18.89 8.22
C GLY E 8 -21.73 -19.11 9.60
N GLU E 9 -21.65 -20.38 9.98
CA GLU E 9 -21.04 -20.87 11.24
C GLU E 9 -19.56 -20.58 11.30
N ARG E 10 -19.11 -20.14 12.47
CA ARG E 10 -17.73 -19.70 12.65
C ARG E 10 -17.02 -20.32 13.85
N PHE E 11 -15.76 -20.65 13.64
CA PHE E 11 -14.88 -21.10 14.68
C PHE E 11 -13.60 -20.28 14.63
N THR E 12 -13.14 -19.83 15.80
CA THR E 12 -11.84 -19.19 15.95
C THR E 12 -10.90 -20.02 16.82
N HIS E 13 -9.63 -20.00 16.46
CA HIS E 13 -8.54 -20.87 16.92
C HIS E 13 -7.35 -19.93 17.15
N ASP E 14 -6.74 -19.90 18.34
CA ASP E 14 -5.51 -19.12 18.60
C ASP E 14 -4.30 -20.02 18.87
N PHE E 15 -3.11 -19.57 18.48
CA PHE E 15 -1.93 -20.41 18.58
C PHE E 15 -0.72 -19.52 18.65
N VAL E 16 -0.04 -19.51 19.81
CA VAL E 16 1.24 -18.75 19.93
C VAL E 16 2.29 -19.50 19.11
N VAL E 17 2.96 -18.84 18.19
CA VAL E 17 3.91 -19.56 17.33
C VAL E 17 5.22 -19.79 18.12
N PRO E 18 5.67 -21.07 18.22
CA PRO E 18 6.91 -21.44 18.90
C PRO E 18 8.06 -21.36 17.91
N PRO E 19 9.31 -21.34 18.40
CA PRO E 19 10.47 -21.29 17.51
C PRO E 19 10.48 -22.41 16.48
N HIS E 20 9.86 -23.57 16.81
CA HIS E 20 9.93 -24.74 15.96
C HIS E 20 8.83 -24.82 14.87
N LYS E 21 8.08 -23.76 14.68
CA LYS E 21 7.16 -23.73 13.54
C LYS E 21 7.59 -22.79 12.43
N THR E 22 8.88 -22.51 12.37
CA THR E 22 9.38 -21.66 11.29
C THR E 22 9.71 -22.51 10.06
N VAL E 23 9.99 -21.81 8.97
CA VAL E 23 10.33 -22.43 7.69
C VAL E 23 11.27 -23.64 7.85
N ARG E 24 12.41 -23.46 8.52
CA ARG E 24 13.48 -24.44 8.45
C ARG E 24 13.10 -25.70 9.22
N HIS E 25 11.98 -25.62 9.94
CA HIS E 25 11.46 -26.74 10.75
C HIS E 25 10.45 -27.63 10.07
N LEU E 26 9.83 -27.15 8.99
CA LEU E 26 8.83 -27.93 8.29
C LEU E 26 9.53 -29.10 7.62
N TYR E 27 10.69 -28.81 7.05
CA TYR E 27 11.54 -29.85 6.47
C TYR E 27 12.97 -29.74 7.03
N PRO E 28 13.22 -30.35 8.20
CA PRO E 28 14.60 -30.26 8.72
C PRO E 28 15.62 -30.86 7.73
N GLU E 29 15.21 -31.88 6.98
CA GLU E 29 16.01 -32.48 5.89
C GLU E 29 16.35 -31.57 4.68
N SER E 30 15.91 -30.31 4.70
CA SER E 30 16.21 -29.45 3.57
C SER E 30 17.38 -28.52 3.84
N PRO E 31 18.53 -28.81 3.22
CA PRO E 31 19.67 -27.89 3.12
C PRO E 31 19.24 -26.56 2.53
N GLU E 32 18.27 -26.61 1.62
CA GLU E 32 17.82 -25.43 0.87
C GLU E 32 16.94 -24.46 1.73
N PHE E 33 16.32 -24.96 2.79
CA PHE E 33 15.50 -24.13 3.69
C PHE E 33 16.20 -23.78 5.00
N ALA E 34 17.19 -24.61 5.35
CA ALA E 34 17.99 -24.48 6.58
C ALA E 34 18.38 -23.04 6.90
N GLU E 35 18.57 -22.26 5.83
CA GLU E 35 19.05 -20.86 5.88
C GLU E 35 17.95 -19.83 6.12
N PHE E 36 16.78 -20.04 5.54
CA PHE E 36 15.60 -19.15 5.63
C PHE E 36 15.39 -18.34 6.93
N PRO E 37 14.75 -17.16 6.80
CA PRO E 37 14.26 -16.37 7.93
C PRO E 37 13.33 -17.14 8.88
N GLU E 38 13.46 -16.82 10.17
CA GLU E 38 12.73 -17.46 11.25
C GLU E 38 11.30 -16.97 11.33
N VAL E 39 10.51 -17.29 10.32
CA VAL E 39 9.09 -16.89 10.28
C VAL E 39 8.18 -18.12 10.18
N PHE E 40 6.97 -18.01 10.71
CA PHE E 40 5.94 -19.07 10.64
C PHE E 40 5.78 -19.57 9.20
N ALA E 41 5.98 -20.87 8.98
CA ALA E 41 5.96 -21.35 7.61
C ALA E 41 4.57 -21.56 7.03
N THR E 42 4.45 -21.27 5.75
CA THR E 42 3.19 -21.43 5.02
C THR E 42 2.51 -22.79 5.28
N GLY E 43 3.24 -23.90 5.17
CA GLY E 43 2.62 -25.22 5.32
C GLY E 43 2.16 -25.56 6.74
N PHE E 44 2.79 -24.93 7.75
CA PHE E 44 2.28 -24.97 9.14
C PHE E 44 1.02 -24.12 9.30
N MET E 45 1.02 -22.93 8.70
CA MET E 45 -0.15 -22.04 8.75
C MET E 45 -1.31 -22.77 8.06
N VAL E 46 -1.01 -23.48 6.98
CA VAL E 46 -1.99 -24.34 6.34
C VAL E 46 -2.51 -25.43 7.31
N GLY E 47 -1.63 -26.04 8.11
CA GLY E 47 -2.06 -27.08 9.07
C GLY E 47 -2.93 -26.47 10.17
N LEU E 48 -2.58 -25.26 10.59
CA LEU E 48 -3.39 -24.50 11.55
C LEU E 48 -4.75 -24.10 10.99
N MET E 49 -4.81 -23.74 9.72
CA MET E 49 -6.09 -23.49 9.09
C MET E 49 -6.95 -24.73 9.03
N GLU E 50 -6.41 -25.83 8.48
CA GLU E 50 -7.03 -27.18 8.52
C GLU E 50 -7.52 -27.56 9.91
N TRP E 51 -6.61 -27.41 10.88
CA TRP E 51 -6.89 -27.76 12.28
C TRP E 51 -8.17 -27.12 12.82
N ALA E 52 -8.28 -25.82 12.59
CA ALA E 52 -9.43 -25.01 12.96
C ALA E 52 -10.73 -25.57 12.33
N CYS E 53 -10.69 -25.95 11.03
CA CYS E 53 -11.88 -26.56 10.40
C CYS E 53 -12.15 -27.99 10.90
N VAL E 54 -11.10 -28.73 11.22
CA VAL E 54 -11.28 -30.08 11.80
C VAL E 54 -11.99 -29.93 13.13
N ARG E 55 -11.66 -28.88 13.90
CA ARG E 55 -12.29 -28.73 15.22
C ARG E 55 -13.73 -28.26 15.11
N ALA E 56 -14.00 -27.46 14.09
CA ALA E 56 -15.36 -26.93 13.93
C ALA E 56 -16.35 -28.02 13.51
N MET E 57 -15.89 -28.97 12.70
CA MET E 57 -16.76 -30.03 12.22
C MET E 57 -16.87 -31.25 13.12
N ALA E 58 -15.97 -31.37 14.09
CA ALA E 58 -15.95 -32.52 14.99
C ALA E 58 -17.32 -32.90 15.56
N PRO E 59 -18.07 -31.92 16.10
CA PRO E 59 -19.28 -32.41 16.78
C PRO E 59 -20.43 -32.71 15.80
N TYR E 60 -20.18 -32.62 14.48
CA TYR E 60 -21.20 -32.94 13.46
C TYR E 60 -20.85 -34.22 12.75
N LEU E 61 -19.70 -34.82 13.11
CA LEU E 61 -19.33 -36.12 12.58
C LEU E 61 -19.93 -37.26 13.40
N GLU E 62 -20.32 -38.35 12.75
CA GLU E 62 -20.73 -39.59 13.43
C GLU E 62 -19.50 -40.44 13.72
N PRO E 63 -19.52 -41.24 14.81
CA PRO E 63 -18.47 -42.24 15.07
C PRO E 63 -18.10 -43.04 13.81
N GLY E 64 -16.81 -43.21 13.54
CA GLY E 64 -16.37 -43.85 12.30
C GLY E 64 -16.12 -42.91 11.12
N GLU E 65 -16.52 -41.65 11.28
CA GLU E 65 -16.29 -40.65 10.24
C GLU E 65 -15.10 -39.76 10.59
N GLY E 66 -14.40 -39.29 9.56
CA GLY E 66 -13.27 -38.39 9.73
C GLY E 66 -13.40 -37.38 8.61
N SER E 67 -12.34 -36.63 8.40
CA SER E 67 -12.25 -35.83 7.19
C SER E 67 -10.81 -35.73 6.74
N LEU E 68 -10.67 -35.49 5.44
CA LEU E 68 -9.41 -35.14 4.82
C LEU E 68 -9.53 -33.75 4.15
N GLY E 69 -8.43 -33.01 4.08
CA GLY E 69 -8.40 -31.74 3.37
C GLY E 69 -8.26 -32.02 1.90
N THR E 70 -9.15 -31.48 1.06
CA THR E 70 -9.03 -31.76 -0.38
C THR E 70 -8.57 -30.53 -1.18
N ALA E 71 -8.50 -29.36 -0.53
CA ALA E 71 -8.09 -28.18 -1.29
C ALA E 71 -7.66 -27.06 -0.38
N ILE E 72 -6.60 -26.36 -0.78
CA ILE E 72 -6.14 -25.19 -0.06
C ILE E 72 -5.74 -24.02 -0.98
N CYS E 73 -6.44 -22.92 -0.79
CA CYS E 73 -6.24 -21.77 -1.64
C CYS E 73 -6.13 -20.52 -0.76
N VAL E 74 -4.90 -20.13 -0.41
CA VAL E 74 -4.67 -19.02 0.52
C VAL E 74 -3.59 -18.02 0.07
N THR E 75 -3.67 -16.79 0.56
CA THR E 75 -2.50 -15.90 0.52
C THR E 75 -1.67 -16.02 1.78
N HIS E 76 -0.39 -15.66 1.69
CA HIS E 76 0.40 -15.52 2.90
C HIS E 76 1.13 -14.19 2.71
N THR E 77 0.68 -13.17 3.41
CA THR E 77 0.98 -11.77 3.04
C THR E 77 1.71 -10.99 4.11
N ALA E 78 1.84 -11.58 5.30
CA ALA E 78 2.69 -11.03 6.32
C ALA E 78 3.44 -12.17 6.98
N ALA E 79 4.68 -11.89 7.39
CA ALA E 79 5.49 -12.90 8.07
C ALA E 79 5.33 -12.79 9.61
N THR E 80 5.41 -13.93 10.29
CA THR E 80 5.17 -13.96 11.74
C THR E 80 6.32 -14.63 12.47
N PRO E 81 7.04 -13.85 13.29
CA PRO E 81 8.15 -14.31 14.09
C PRO E 81 7.61 -15.08 15.28
N PRO E 82 8.40 -16.03 15.82
CA PRO E 82 7.81 -16.80 16.91
C PRO E 82 7.44 -15.87 18.07
N GLY E 83 6.46 -16.26 18.87
CA GLY E 83 6.02 -15.46 20.02
C GLY E 83 4.74 -14.64 19.81
N LEU E 84 4.45 -14.24 18.58
CA LEU E 84 3.13 -13.67 18.29
C LEU E 84 2.06 -14.74 18.28
N THR E 85 0.83 -14.31 18.56
CA THR E 85 -0.35 -15.20 18.56
C THR E 85 -1.09 -15.10 17.21
N VAL E 86 -1.28 -16.25 16.57
CA VAL E 86 -2.00 -16.33 15.29
C VAL E 86 -3.43 -16.69 15.63
N THR E 87 -4.36 -15.89 15.13
CA THR E 87 -5.78 -16.19 15.29
C THR E 87 -6.27 -16.65 13.94
N VAL E 88 -6.81 -17.87 13.89
CA VAL E 88 -7.44 -18.39 12.69
C VAL E 88 -8.94 -18.38 12.86
N THR E 89 -9.61 -17.80 11.88
CA THR E 89 -11.07 -17.82 11.82
C THR E 89 -11.47 -18.64 10.61
N ALA E 90 -12.45 -19.52 10.82
CA ALA E 90 -12.95 -20.45 9.84
C ALA E 90 -14.48 -20.27 9.76
N GLU E 91 -14.99 -19.93 8.58
CA GLU E 91 -16.42 -19.67 8.45
C GLU E 91 -16.92 -20.61 7.37
N LEU E 92 -17.81 -21.52 7.74
CA LEU E 92 -18.41 -22.43 6.77
C LEU E 92 -19.16 -21.67 5.68
N ARG E 93 -18.73 -21.86 4.42
CA ARG E 93 -19.33 -21.25 3.23
C ARG E 93 -20.37 -22.10 2.53
N SER E 94 -20.17 -23.42 2.42
CA SER E 94 -21.17 -24.30 1.81
C SER E 94 -20.99 -25.77 2.20
N VAL E 95 -22.02 -26.60 2.01
CA VAL E 95 -21.99 -28.00 2.48
C VAL E 95 -22.48 -29.12 1.54
N GLU E 96 -22.46 -28.92 0.23
CA GLU E 96 -22.98 -29.94 -0.70
C GLU E 96 -22.43 -31.37 -0.45
N GLY E 97 -23.12 -32.13 0.40
CA GLY E 97 -22.89 -33.59 0.52
C GLY E 97 -21.86 -34.01 1.57
N ARG E 98 -20.79 -34.67 1.12
CA ARG E 98 -19.72 -35.02 2.04
C ARG E 98 -18.68 -33.90 2.05
N ARG E 99 -18.95 -32.81 1.35
CA ARG E 99 -17.94 -31.80 1.06
C ARG E 99 -18.30 -30.50 1.73
N LEU E 100 -17.42 -30.02 2.60
CA LEU E 100 -17.60 -28.69 3.18
C LEU E 100 -16.59 -27.73 2.64
N SER E 101 -16.93 -26.46 2.56
CA SER E 101 -15.98 -25.48 2.05
C SER E 101 -15.94 -24.33 3.04
N TRP E 102 -14.74 -24.05 3.58
CA TRP E 102 -14.56 -23.01 4.57
C TRP E 102 -13.86 -21.81 3.95
N ARG E 103 -14.21 -20.61 4.40
CA ARG E 103 -13.34 -19.47 4.26
C ARG E 103 -12.54 -19.34 5.57
N VAL E 104 -11.20 -19.38 5.43
CA VAL E 104 -10.26 -19.31 6.53
C VAL E 104 -9.49 -17.99 6.36
N SER E 105 -9.30 -17.27 7.47
CA SER E 105 -8.32 -16.17 7.50
C SER E 105 -7.53 -16.22 8.81
N ALA E 106 -6.43 -15.47 8.87
CA ALA E 106 -5.50 -15.55 9.98
C ALA E 106 -4.77 -14.22 10.14
N HIS E 107 -4.52 -13.83 11.40
CA HIS E 107 -3.70 -12.65 11.66
C HIS E 107 -2.93 -12.92 12.93
N ASP E 108 -1.86 -12.16 13.14
CA ASP E 108 -0.96 -12.39 14.26
C ASP E 108 -1.00 -11.26 15.30
N GLY E 109 -2.14 -10.56 15.35
CA GLY E 109 -2.33 -9.48 16.30
C GLY E 109 -1.64 -8.21 15.86
N VAL E 110 -0.70 -8.31 14.91
CA VAL E 110 -0.07 -7.14 14.26
C VAL E 110 -0.58 -6.96 12.83
N ASP E 111 -0.47 -8.02 12.02
CA ASP E 111 -0.93 -8.00 10.62
C ASP E 111 -1.91 -9.14 10.33
N GLU E 112 -2.83 -8.91 9.40
CA GLU E 112 -3.52 -9.97 8.66
C GLU E 112 -2.45 -10.80 7.93
N ILE E 113 -2.34 -12.10 8.18
CA ILE E 113 -1.27 -12.85 7.54
C ILE E 113 -1.68 -13.63 6.28
N GLY E 114 -2.97 -13.75 6.04
CA GLY E 114 -3.44 -14.50 4.89
C GLY E 114 -4.89 -14.89 5.03
N SER E 115 -5.45 -15.38 3.93
CA SER E 115 -6.85 -15.76 3.89
C SER E 115 -7.13 -16.42 2.55
N GLY E 116 -8.30 -17.03 2.44
CA GLY E 116 -8.63 -17.81 1.26
C GLY E 116 -9.58 -18.90 1.66
N THR E 117 -9.50 -20.07 1.06
CA THR E 117 -10.47 -21.06 1.38
C THR E 117 -9.86 -22.43 1.56
N HIS E 118 -10.58 -23.28 2.28
CA HIS E 118 -10.15 -24.62 2.56
C HIS E 118 -11.34 -25.52 2.41
N GLU E 119 -11.16 -26.61 1.68
CA GLU E 119 -12.23 -27.59 1.49
C GLU E 119 -11.81 -28.92 2.11
N ARG E 120 -12.80 -29.62 2.68
CA ARG E 120 -12.60 -30.92 3.30
C ARG E 120 -13.71 -31.88 2.87
N ALA E 121 -13.42 -33.18 2.86
CA ALA E 121 -14.42 -34.22 2.56
C ALA E 121 -14.55 -35.18 3.74
N VAL E 122 -15.79 -35.41 4.16
CA VAL E 122 -16.10 -36.40 5.22
C VAL E 122 -15.88 -37.79 4.65
N ILE E 123 -15.10 -38.59 5.36
CA ILE E 123 -14.83 -39.99 4.95
C ILE E 123 -15.33 -41.02 5.97
N HIS E 124 -15.43 -42.26 5.52
CA HIS E 124 -15.69 -43.43 6.36
C HIS E 124 -14.28 -43.91 6.65
N LEU E 125 -13.84 -43.85 7.90
CA LEU E 125 -12.42 -44.01 8.22
C LEU E 125 -11.89 -45.39 7.85
N GLU E 126 -12.65 -46.43 8.21
CA GLU E 126 -12.23 -47.79 8.00
C GLU E 126 -12.24 -48.13 6.51
N LYS E 127 -13.15 -47.56 5.74
CA LYS E 127 -13.07 -47.81 4.30
C LYS E 127 -11.99 -47.01 3.58
N PHE E 128 -11.75 -45.78 4.04
CA PHE E 128 -10.61 -44.98 3.58
C PHE E 128 -9.24 -45.64 3.90
N ASN E 129 -9.09 -46.16 5.13
CA ASN E 129 -7.87 -46.92 5.47
C ASN E 129 -7.61 -48.15 4.61
N ALA E 130 -8.66 -48.89 4.27
CA ALA E 130 -8.60 -49.94 3.24
C ALA E 130 -8.09 -49.45 1.88
N LYS E 131 -8.54 -48.29 1.43
CA LYS E 131 -8.09 -47.79 0.13
C LYS E 131 -6.61 -47.42 0.13
N VAL E 132 -6.11 -46.86 1.24
CA VAL E 132 -4.68 -46.54 1.34
C VAL E 132 -3.81 -47.78 1.47
N ARG E 133 -4.32 -48.82 2.13
CA ARG E 133 -3.58 -50.07 2.29
C ARG E 133 -3.29 -50.70 0.94
N GLN E 134 -4.20 -50.56 -0.02
CA GLN E 134 -3.89 -50.92 -1.39
C GLN E 134 -2.51 -50.39 -1.77
N LYS E 135 -2.31 -49.10 -1.67
CA LYS E 135 -1.08 -48.43 -2.03
C LYS E 135 0.20 -48.68 -1.17
N THR E 136 0.05 -48.98 0.13
CA THR E 136 1.18 -49.04 1.11
C THR E 136 2.14 -50.21 0.81
N PRO E 137 3.31 -49.88 0.21
CA PRO E 137 4.14 -50.79 -0.58
C PRO E 137 4.73 -51.95 0.22
N MET F 5 15.25 -16.73 -15.76
CA MET F 5 14.40 -17.95 -15.87
C MET F 5 13.49 -17.82 -17.08
N ARG F 6 13.46 -18.84 -17.95
CA ARG F 6 12.51 -18.81 -19.07
C ARG F 6 11.17 -19.42 -18.64
N VAL F 7 10.08 -18.72 -18.94
CA VAL F 7 8.73 -19.30 -18.82
C VAL F 7 8.64 -20.68 -19.49
N GLY F 8 7.91 -21.59 -18.88
CA GLY F 8 7.76 -22.93 -19.43
C GLY F 8 8.79 -23.94 -18.93
N GLU F 9 9.84 -23.49 -18.25
CA GLU F 9 10.87 -24.42 -17.77
C GLU F 9 10.43 -25.23 -16.56
N ARG F 10 10.71 -26.52 -16.55
CA ARG F 10 10.28 -27.38 -15.47
C ARG F 10 11.47 -27.81 -14.63
N PHE F 11 11.23 -27.93 -13.33
CA PHE F 11 12.17 -28.57 -12.43
C PHE F 11 11.37 -29.63 -11.69
N THR F 12 11.93 -30.82 -11.56
CA THR F 12 11.30 -31.82 -10.71
C THR F 12 12.27 -32.51 -9.75
N HIS F 13 11.70 -33.26 -8.83
CA HIS F 13 12.09 -33.28 -7.45
C HIS F 13 11.36 -34.54 -6.93
N ASP F 14 12.07 -35.51 -6.35
CA ASP F 14 11.43 -36.74 -5.83
C ASP F 14 11.74 -36.93 -4.33
N PHE F 15 10.78 -37.50 -3.60
CA PHE F 15 10.86 -37.55 -2.15
C PHE F 15 10.16 -38.80 -1.68
N VAL F 16 10.91 -39.71 -1.04
CA VAL F 16 10.31 -40.89 -0.42
C VAL F 16 9.63 -40.40 0.86
N VAL F 17 8.31 -40.53 0.96
CA VAL F 17 7.59 -40.13 2.18
C VAL F 17 7.99 -41.05 3.32
N PRO F 18 8.62 -40.47 4.37
CA PRO F 18 8.99 -41.23 5.55
C PRO F 18 7.90 -41.05 6.61
N PRO F 19 7.87 -41.95 7.61
CA PRO F 19 6.80 -42.00 8.61
C PRO F 19 6.47 -40.70 9.28
N HIS F 20 7.46 -39.81 9.45
CA HIS F 20 7.27 -38.55 10.18
C HIS F 20 6.73 -37.41 9.30
N LYS F 21 6.18 -37.75 8.15
CA LYS F 21 5.58 -36.70 7.29
C LYS F 21 4.07 -36.82 7.17
N THR F 22 3.48 -37.66 8.03
CA THR F 22 2.06 -37.83 8.10
C THR F 22 1.47 -36.70 8.93
N VAL F 23 0.16 -36.57 8.84
CA VAL F 23 -0.62 -35.54 9.45
C VAL F 23 -0.33 -35.28 10.92
N ARG F 24 -0.24 -36.32 11.72
CA ARG F 24 -0.01 -36.17 13.17
C ARG F 24 1.37 -35.58 13.49
N HIS F 25 2.31 -35.69 12.54
CA HIS F 25 3.63 -35.12 12.71
C HIS F 25 3.67 -33.64 12.34
N LEU F 26 2.64 -33.17 11.64
CA LEU F 26 2.62 -31.79 11.18
C LEU F 26 2.42 -30.91 12.40
N TYR F 27 1.46 -31.31 13.25
CA TYR F 27 1.24 -30.72 14.58
C TYR F 27 1.19 -31.85 15.62
N PRO F 28 2.37 -32.22 16.14
CA PRO F 28 2.49 -33.17 17.23
C PRO F 28 1.72 -32.73 18.46
N GLU F 29 1.54 -31.42 18.64
CA GLU F 29 0.72 -30.88 19.74
C GLU F 29 -0.80 -30.91 19.50
N SER F 30 -1.24 -31.38 18.33
CA SER F 30 -2.67 -31.46 18.06
C SER F 30 -3.31 -32.79 18.48
N PRO F 31 -4.07 -32.79 19.58
CA PRO F 31 -4.74 -34.05 19.96
C PRO F 31 -5.75 -34.47 18.90
N GLU F 32 -6.42 -33.47 18.31
CA GLU F 32 -7.35 -33.71 17.20
C GLU F 32 -6.71 -34.43 15.98
N PHE F 33 -5.42 -34.17 15.71
CA PHE F 33 -4.74 -34.84 14.60
C PHE F 33 -4.14 -36.16 15.00
N ALA F 34 -4.08 -36.42 16.30
CA ALA F 34 -3.20 -37.45 16.81
C ALA F 34 -3.68 -38.83 16.37
N GLU F 35 -4.94 -38.92 15.94
CA GLU F 35 -5.47 -40.18 15.45
C GLU F 35 -5.84 -40.24 13.96
N PHE F 36 -5.49 -39.22 13.17
CA PHE F 36 -5.72 -39.21 11.71
C PHE F 36 -5.09 -40.39 10.98
N PRO F 37 -5.61 -40.75 9.81
CA PRO F 37 -4.84 -41.76 9.09
C PRO F 37 -3.37 -41.36 8.84
N GLU F 38 -2.56 -42.37 8.59
CA GLU F 38 -1.15 -42.18 8.37
C GLU F 38 -0.85 -41.86 6.91
N VAL F 39 -1.12 -40.63 6.52
CA VAL F 39 -0.90 -40.29 5.15
C VAL F 39 -0.18 -38.96 5.09
N PHE F 40 0.45 -38.72 3.95
CA PHE F 40 1.19 -37.49 3.68
C PHE F 40 0.28 -36.27 3.83
N ALA F 41 0.66 -35.36 4.73
CA ALA F 41 -0.12 -34.17 5.06
C ALA F 41 0.01 -33.08 4.00
N THR F 42 -1.08 -32.32 3.79
CA THR F 42 -1.16 -31.28 2.78
C THR F 42 -0.11 -30.22 3.09
N GLY F 43 0.02 -29.91 4.37
CA GLY F 43 1.03 -28.94 4.84
C GLY F 43 2.42 -29.33 4.35
N PHE F 44 2.76 -30.61 4.51
CA PHE F 44 3.98 -31.18 3.95
C PHE F 44 4.06 -31.23 2.43
N MET F 45 2.95 -31.56 1.77
CA MET F 45 2.94 -31.47 0.31
C MET F 45 3.21 -30.01 -0.09
N VAL F 46 2.52 -29.06 0.51
CA VAL F 46 2.73 -27.66 0.17
C VAL F 46 4.20 -27.27 0.31
N GLY F 47 4.83 -27.59 1.45
CA GLY F 47 6.31 -27.45 1.61
C GLY F 47 7.18 -28.08 0.54
N LEU F 48 6.87 -29.31 0.13
CA LEU F 48 7.67 -29.94 -0.96
C LEU F 48 7.51 -29.24 -2.30
N MET F 49 6.35 -28.63 -2.52
CA MET F 49 6.12 -27.89 -3.74
C MET F 49 6.90 -26.58 -3.72
N GLU F 50 6.92 -25.88 -2.58
CA GLU F 50 7.73 -24.68 -2.52
C GLU F 50 9.21 -25.01 -2.61
N TRP F 51 9.63 -26.06 -1.91
CA TRP F 51 11.00 -26.53 -1.95
C TRP F 51 11.46 -26.70 -3.41
N ALA F 52 10.60 -27.28 -4.27
CA ALA F 52 10.88 -27.44 -5.71
C ALA F 52 11.15 -26.10 -6.36
N CYS F 53 10.28 -25.14 -6.09
CA CYS F 53 10.36 -23.80 -6.64
C CYS F 53 11.56 -22.98 -6.15
N VAL F 54 11.86 -23.10 -4.85
CA VAL F 54 13.07 -22.48 -4.31
C VAL F 54 14.36 -23.04 -4.94
N ARG F 55 14.39 -24.36 -5.13
CA ARG F 55 15.51 -24.99 -5.79
C ARG F 55 15.65 -24.56 -7.24
N ALA F 56 14.54 -24.42 -7.96
CA ALA F 56 14.56 -23.85 -9.32
C ALA F 56 15.05 -22.40 -9.42
N MET F 57 14.69 -21.57 -8.46
CA MET F 57 15.02 -20.15 -8.50
C MET F 57 16.46 -19.92 -8.13
N ALA F 58 16.92 -20.69 -7.14
CA ALA F 58 18.23 -20.49 -6.54
C ALA F 58 19.34 -20.09 -7.53
N PRO F 59 19.49 -20.79 -8.69
CA PRO F 59 20.59 -20.32 -9.55
C PRO F 59 20.48 -18.87 -10.06
N TYR F 60 19.31 -18.25 -9.91
CA TYR F 60 19.00 -16.94 -10.51
C TYR F 60 18.94 -15.80 -9.50
N LEU F 61 19.13 -16.12 -8.23
CA LEU F 61 19.09 -15.11 -7.20
C LEU F 61 20.44 -14.37 -7.11
N GLU F 62 20.43 -13.09 -6.75
CA GLU F 62 21.68 -12.44 -6.36
C GLU F 62 22.08 -12.82 -4.92
N PRO F 63 23.37 -12.74 -4.58
CA PRO F 63 23.70 -13.02 -3.18
C PRO F 63 23.03 -11.96 -2.32
N GLY F 64 22.40 -12.38 -1.22
CA GLY F 64 21.57 -11.45 -0.44
C GLY F 64 20.06 -11.50 -0.73
N GLU F 65 19.67 -11.96 -1.92
CA GLU F 65 18.25 -12.19 -2.21
C GLU F 65 17.76 -13.56 -1.76
N GLY F 66 16.50 -13.61 -1.33
CA GLY F 66 15.80 -14.86 -1.11
C GLY F 66 14.44 -14.76 -1.77
N SER F 67 13.55 -15.68 -1.44
CA SER F 67 12.13 -15.57 -1.85
C SER F 67 11.22 -16.06 -0.73
N LEU F 68 9.99 -15.58 -0.74
CA LEU F 68 8.98 -16.11 0.16
C LEU F 68 7.74 -16.50 -0.65
N GLY F 69 7.03 -17.56 -0.24
CA GLY F 69 5.73 -17.85 -0.81
C GLY F 69 4.68 -16.82 -0.43
N THR F 70 3.93 -16.33 -1.42
CA THR F 70 2.89 -15.33 -1.19
C THR F 70 1.48 -15.82 -1.41
N ALA F 71 1.35 -16.99 -2.04
CA ALA F 71 0.03 -17.58 -2.28
C ALA F 71 0.17 -19.04 -2.65
N ILE F 72 -0.74 -19.91 -2.21
CA ILE F 72 -0.71 -21.31 -2.66
C ILE F 72 -2.14 -21.71 -2.97
N CYS F 73 -2.36 -22.35 -4.11
CA CYS F 73 -3.72 -22.71 -4.51
C CYS F 73 -3.74 -24.11 -5.13
N VAL F 74 -4.00 -25.12 -4.31
CA VAL F 74 -3.87 -26.49 -4.78
C VAL F 74 -5.00 -27.31 -4.23
N THR F 75 -5.24 -28.40 -4.92
CA THR F 75 -6.09 -29.49 -4.45
C THR F 75 -5.17 -30.58 -4.01
N HIS F 76 -5.74 -31.53 -3.27
CA HIS F 76 -4.96 -32.61 -2.77
C HIS F 76 -5.94 -33.77 -2.72
N THR F 77 -5.95 -34.58 -3.78
CA THR F 77 -7.12 -35.42 -4.08
C THR F 77 -6.87 -36.93 -3.97
N ALA F 78 -5.62 -37.34 -3.76
CA ALA F 78 -5.36 -38.75 -3.42
C ALA F 78 -4.37 -38.83 -2.23
N ALA F 79 -4.52 -39.88 -1.42
CA ALA F 79 -3.72 -40.08 -0.21
C ALA F 79 -2.50 -40.98 -0.44
N THR F 80 -1.45 -40.69 0.32
CA THR F 80 -0.13 -41.28 0.09
C THR F 80 0.43 -41.76 1.43
N PRO F 81 0.48 -43.08 1.62
CA PRO F 81 1.04 -43.66 2.83
C PRO F 81 2.58 -43.61 2.74
N PRO F 82 3.31 -43.79 3.87
CA PRO F 82 4.78 -43.80 3.82
C PRO F 82 5.34 -44.91 2.96
N GLY F 83 6.49 -44.65 2.35
CA GLY F 83 7.12 -45.58 1.42
C GLY F 83 7.08 -45.12 -0.03
N LEU F 84 5.96 -44.54 -0.46
CA LEU F 84 5.81 -44.14 -1.85
C LEU F 84 6.69 -42.93 -2.13
N THR F 85 7.23 -42.84 -3.34
CA THR F 85 8.02 -41.66 -3.74
C THR F 85 7.14 -40.57 -4.34
N VAL F 86 7.15 -39.39 -3.73
CA VAL F 86 6.41 -38.28 -4.30
C VAL F 86 7.31 -37.50 -5.25
N THR F 87 6.82 -37.37 -6.49
CA THR F 87 7.48 -36.57 -7.51
C THR F 87 6.72 -35.26 -7.71
N VAL F 88 7.43 -34.16 -7.57
CA VAL F 88 6.81 -32.84 -7.65
C VAL F 88 7.45 -32.12 -8.85
N THR F 89 6.60 -31.57 -9.72
CA THR F 89 7.03 -30.80 -10.87
C THR F 89 6.63 -29.34 -10.63
N ALA F 90 7.56 -28.43 -10.89
CA ALA F 90 7.32 -27.00 -10.73
C ALA F 90 7.70 -26.34 -12.05
N GLU F 91 6.69 -25.76 -12.70
CA GLU F 91 6.88 -25.08 -13.98
C GLU F 91 6.65 -23.58 -13.82
N LEU F 92 7.57 -22.77 -14.33
CA LEU F 92 7.43 -21.31 -14.30
C LEU F 92 6.40 -20.80 -15.30
N ARG F 93 5.45 -20.02 -14.78
CA ARG F 93 4.33 -19.50 -15.58
C ARG F 93 4.53 -18.00 -15.88
N SER F 94 4.96 -17.24 -14.89
CA SER F 94 5.08 -15.79 -14.97
C SER F 94 6.27 -15.31 -14.18
N VAL F 95 6.88 -14.23 -14.66
CA VAL F 95 7.77 -13.42 -13.84
C VAL F 95 7.45 -11.95 -14.09
N GLU F 96 6.98 -11.24 -13.06
CA GLU F 96 6.69 -9.82 -13.17
C GLU F 96 7.33 -9.04 -12.04
N GLY F 97 8.48 -8.47 -12.33
CA GLY F 97 9.34 -7.83 -11.35
C GLY F 97 9.86 -8.82 -10.32
N ARG F 98 9.32 -8.71 -9.11
CA ARG F 98 9.79 -9.45 -7.95
C ARG F 98 8.90 -10.67 -7.72
N ARG F 99 7.80 -10.71 -8.46
CA ARG F 99 6.81 -11.76 -8.33
C ARG F 99 6.98 -12.83 -9.39
N LEU F 100 6.91 -14.09 -8.96
CA LEU F 100 6.90 -15.23 -9.88
C LEU F 100 5.74 -16.19 -9.56
N SER F 101 5.18 -16.79 -10.61
CA SER F 101 4.08 -17.78 -10.50
C SER F 101 4.52 -19.09 -11.06
N TRP F 102 4.02 -20.17 -10.46
CA TRP F 102 4.49 -21.50 -10.70
C TRP F 102 3.26 -22.38 -10.84
N ARG F 103 3.25 -23.26 -11.83
CA ARG F 103 2.30 -24.37 -11.82
C ARG F 103 2.97 -25.48 -10.99
N VAL F 104 2.26 -26.06 -10.03
CA VAL F 104 2.87 -27.13 -9.25
C VAL F 104 2.04 -28.40 -9.29
N SER F 105 2.70 -29.54 -9.32
CA SER F 105 1.98 -30.77 -9.54
C SER F 105 2.74 -31.84 -8.80
N ALA F 106 2.04 -32.88 -8.33
CA ALA F 106 2.66 -33.88 -7.50
C ALA F 106 1.95 -35.21 -7.79
N HIS F 107 2.70 -36.30 -7.77
CA HIS F 107 2.18 -37.62 -8.10
C HIS F 107 2.97 -38.56 -7.20
N ASP F 108 2.39 -39.66 -6.77
CA ASP F 108 3.09 -40.54 -5.83
C ASP F 108 3.52 -41.87 -6.42
N GLY F 109 3.60 -41.92 -7.75
CA GLY F 109 3.96 -43.12 -8.47
C GLY F 109 2.74 -43.98 -8.76
N VAL F 110 1.65 -43.77 -8.02
CA VAL F 110 0.37 -44.43 -8.23
C VAL F 110 -0.69 -43.43 -8.66
N ASP F 111 -0.95 -42.41 -7.86
CA ASP F 111 -1.95 -41.41 -8.22
C ASP F 111 -1.35 -40.04 -8.49
N GLU F 112 -2.03 -39.25 -9.30
CA GLU F 112 -1.94 -37.78 -9.24
C GLU F 112 -2.41 -37.37 -7.84
N ILE F 113 -1.58 -36.73 -7.04
CA ILE F 113 -2.01 -36.45 -5.65
C ILE F 113 -2.54 -35.03 -5.42
N GLY F 114 -2.06 -34.08 -6.21
CA GLY F 114 -2.56 -32.73 -6.06
C GLY F 114 -1.91 -31.87 -7.10
N SER F 115 -2.50 -30.71 -7.35
CA SER F 115 -1.83 -29.72 -8.20
C SER F 115 -2.44 -28.32 -8.12
N GLY F 116 -1.77 -27.38 -8.79
CA GLY F 116 -2.29 -26.03 -8.84
C GLY F 116 -1.20 -25.02 -9.07
N THR F 117 -1.24 -23.93 -8.32
CA THR F 117 -0.37 -22.78 -8.55
C THR F 117 0.27 -22.31 -7.23
N HIS F 118 1.42 -21.65 -7.36
CA HIS F 118 2.14 -21.07 -6.26
C HIS F 118 2.79 -19.75 -6.72
N GLU F 119 2.68 -18.72 -5.91
CA GLU F 119 3.35 -17.44 -6.23
C GLU F 119 4.42 -17.12 -5.18
N ARG F 120 5.60 -16.73 -5.61
CA ARG F 120 6.61 -16.36 -4.64
C ARG F 120 6.95 -14.90 -4.87
N ALA F 121 7.64 -14.29 -3.92
CA ALA F 121 8.21 -12.96 -4.10
C ALA F 121 9.70 -13.03 -3.84
N VAL F 122 10.51 -12.50 -4.76
CA VAL F 122 11.92 -12.21 -4.46
C VAL F 122 12.06 -11.12 -3.38
N ILE F 123 12.97 -11.30 -2.43
CA ILE F 123 13.20 -10.35 -1.32
C ILE F 123 14.68 -10.12 -1.05
N HIS F 124 14.99 -9.02 -0.35
CA HIS F 124 16.34 -8.81 0.23
C HIS F 124 16.33 -9.39 1.64
N LEU F 125 17.18 -10.40 1.87
CA LEU F 125 17.11 -11.27 3.06
C LEU F 125 17.39 -10.57 4.40
N GLU F 126 18.47 -9.78 4.41
CA GLU F 126 18.92 -9.08 5.62
C GLU F 126 18.12 -7.81 5.88
N LYS F 127 17.56 -7.22 4.83
CA LYS F 127 16.50 -6.22 4.98
C LYS F 127 15.25 -6.84 5.58
N PHE F 128 14.76 -7.93 4.99
CA PHE F 128 13.60 -8.65 5.52
C PHE F 128 13.86 -9.16 6.94
N ASN F 129 15.02 -9.80 7.16
CA ASN F 129 15.41 -10.26 8.48
C ASN F 129 15.38 -9.18 9.56
N ALA F 130 15.87 -7.99 9.23
CA ALA F 130 15.83 -6.86 10.16
C ALA F 130 14.40 -6.35 10.40
N LYS F 131 13.59 -6.33 9.33
CA LYS F 131 12.19 -5.94 9.43
C LYS F 131 11.32 -6.87 10.29
N VAL F 132 11.67 -8.16 10.33
CA VAL F 132 10.93 -9.12 11.15
C VAL F 132 11.49 -9.22 12.58
N ARG F 133 12.77 -8.93 12.73
CA ARG F 133 13.36 -8.74 14.06
C ARG F 133 12.63 -7.57 14.76
N GLN F 134 11.93 -6.76 13.96
CA GLN F 134 11.27 -5.55 14.43
C GLN F 134 9.87 -5.75 14.96
N LYS F 135 9.23 -6.86 14.62
CA LYS F 135 7.92 -7.15 15.18
C LYS F 135 7.95 -8.44 15.99
N THR F 136 9.15 -8.91 16.31
CA THR F 136 9.30 -9.96 17.30
C THR F 136 9.01 -9.33 18.65
N PRO F 137 8.03 -9.89 19.38
CA PRO F 137 7.57 -9.23 20.62
C PRO F 137 8.60 -9.30 21.74
N MET G 5 -14.59 20.49 30.25
CA MET G 5 -13.55 21.54 30.01
C MET G 5 -13.96 22.62 29.01
N ARG G 6 -14.07 23.86 29.48
CA ARG G 6 -14.69 24.94 28.71
C ARG G 6 -13.72 25.86 27.96
N VAL G 7 -14.04 26.17 26.69
CA VAL G 7 -13.35 27.22 25.95
C VAL G 7 -13.42 28.52 26.77
N GLY G 8 -12.33 29.29 26.76
CA GLY G 8 -12.25 30.50 27.56
C GLY G 8 -11.58 30.28 28.91
N GLU G 9 -11.53 29.03 29.36
CA GLU G 9 -10.90 28.70 30.62
C GLU G 9 -9.45 29.16 30.58
N ARG G 10 -8.96 29.75 31.66
CA ARG G 10 -7.53 29.95 31.75
C ARG G 10 -6.83 29.56 33.05
N PHE G 11 -5.53 29.35 32.92
CA PHE G 11 -4.69 29.04 34.03
C PHE G 11 -3.40 29.86 33.88
N THR G 12 -2.87 30.29 35.01
CA THR G 12 -1.71 31.12 35.01
C THR G 12 -0.66 30.54 35.93
N HIS G 13 0.62 30.77 35.59
CA HIS G 13 1.80 30.04 36.06
C HIS G 13 2.89 31.01 36.31
N ASP G 14 3.51 31.03 37.48
CA ASP G 14 4.69 31.86 37.66
C ASP G 14 5.94 31.03 37.96
N PHE G 15 7.07 31.51 37.46
CA PHE G 15 8.31 30.80 37.58
C PHE G 15 9.45 31.79 37.60
N VAL G 16 10.13 31.87 38.75
CA VAL G 16 11.42 32.54 38.86
C VAL G 16 12.52 31.85 38.02
N VAL G 17 13.15 32.61 37.14
CA VAL G 17 14.10 31.99 36.23
C VAL G 17 15.41 31.76 36.98
N PRO G 18 15.81 30.47 37.16
CA PRO G 18 17.09 30.22 37.81
C PRO G 18 18.21 30.13 36.76
N PRO G 19 19.47 30.10 37.23
CA PRO G 19 20.71 30.05 36.42
C PRO G 19 20.74 28.89 35.42
N HIS G 20 20.18 27.76 35.83
CA HIS G 20 20.27 26.52 35.07
C HIS G 20 19.16 26.35 33.99
N LYS G 21 18.48 27.45 33.69
CA LYS G 21 17.46 27.53 32.62
C LYS G 21 17.88 28.37 31.41
N THR G 22 19.18 28.60 31.29
CA THR G 22 19.67 29.38 30.18
C THR G 22 20.02 28.45 29.01
N VAL G 23 20.27 29.05 27.87
CA VAL G 23 20.62 28.36 26.64
C VAL G 23 21.70 27.26 26.76
N ARG G 24 22.81 27.53 27.45
CA ARG G 24 23.88 26.55 27.51
C ARG G 24 23.44 25.32 28.31
N HIS G 25 22.38 25.50 29.11
CA HIS G 25 21.88 24.44 29.95
C HIS G 25 20.90 23.55 29.23
N LEU G 26 20.28 24.06 28.16
CA LEU G 26 19.36 23.28 27.39
C LEU G 26 20.09 22.08 26.78
N TYR G 27 21.22 22.35 26.12
CA TYR G 27 22.14 21.32 25.62
C TYR G 27 23.53 21.58 26.22
N PRO G 28 23.78 21.10 27.47
CA PRO G 28 25.12 21.25 27.99
C PRO G 28 26.15 20.53 27.13
N GLU G 29 25.73 19.66 26.21
CA GLU G 29 26.71 19.00 25.35
C GLU G 29 26.97 19.80 24.06
N SER G 30 26.50 21.03 23.98
CA SER G 30 26.67 21.76 22.76
C SER G 30 27.80 22.76 22.90
N PRO G 31 28.93 22.50 22.25
CA PRO G 31 29.96 23.51 22.34
C PRO G 31 29.53 24.80 21.66
N GLU G 32 28.65 24.69 20.66
CA GLU G 32 28.11 25.87 19.97
C GLU G 32 27.24 26.79 20.81
N PHE G 33 26.57 26.28 21.84
CA PHE G 33 25.77 27.10 22.77
C PHE G 33 26.52 27.50 24.05
N ALA G 34 27.62 26.80 24.35
CA ALA G 34 28.42 27.05 25.56
C ALA G 34 28.71 28.53 25.86
N GLU G 35 28.83 29.34 24.82
CA GLU G 35 29.04 30.78 25.00
C GLU G 35 27.87 31.73 24.68
N PHE G 36 26.64 31.24 24.66
CA PHE G 36 25.49 32.14 24.46
C PHE G 36 25.23 33.06 25.67
N PRO G 37 24.57 34.21 25.45
CA PRO G 37 24.01 35.02 26.53
C PRO G 37 23.27 34.20 27.60
N GLU G 38 23.44 34.60 28.84
CA GLU G 38 22.77 33.95 29.93
C GLU G 38 21.33 34.37 30.00
N VAL G 39 20.58 34.05 28.95
CA VAL G 39 19.15 34.30 28.97
C VAL G 39 18.36 32.97 28.90
N PHE G 40 17.12 33.04 29.40
CA PHE G 40 16.14 31.96 29.38
C PHE G 40 15.92 31.44 27.95
N ALA G 41 16.19 30.15 27.76
CA ALA G 41 16.18 29.50 26.43
C ALA G 41 14.76 29.36 25.93
N THR G 42 14.61 29.46 24.61
CA THR G 42 13.32 29.22 23.99
C THR G 42 12.80 27.85 24.36
N GLY G 43 13.67 26.85 24.35
CA GLY G 43 13.20 25.49 24.61
C GLY G 43 12.58 25.34 26.00
N PHE G 44 13.09 26.07 26.99
CA PHE G 44 12.54 26.01 28.33
C PHE G 44 11.25 26.82 28.44
N MET G 45 11.18 27.92 27.69
CA MET G 45 9.93 28.66 27.68
C MET G 45 8.81 27.79 27.03
N VAL G 46 9.16 26.99 26.05
CA VAL G 46 8.22 26.09 25.45
C VAL G 46 7.76 25.08 26.52
N GLY G 47 8.72 24.48 27.21
CA GLY G 47 8.39 23.66 28.38
C GLY G 47 7.56 24.28 29.50
N LEU G 48 7.84 25.54 29.88
CA LEU G 48 7.05 26.23 30.88
C LEU G 48 5.60 26.44 30.32
N MET G 49 5.50 26.81 29.05
CA MET G 49 4.19 26.94 28.43
C MET G 49 3.38 25.66 28.44
N GLU G 50 3.99 24.56 28.04
CA GLU G 50 3.31 23.27 27.99
C GLU G 50 2.85 22.86 29.37
N TRP G 51 3.73 23.10 30.34
CA TRP G 51 3.53 22.76 31.73
C TRP G 51 2.26 23.39 32.26
N ALA G 52 1.99 24.63 31.88
CA ALA G 52 0.77 25.33 32.30
C ALA G 52 -0.50 24.65 31.76
N CYS G 53 -0.43 24.17 30.52
CA CYS G 53 -1.55 23.55 29.82
C CYS G 53 -1.80 22.15 30.38
N VAL G 54 -0.73 21.41 30.62
CA VAL G 54 -0.83 20.11 31.32
C VAL G 54 -1.52 20.27 32.67
N ARG G 55 -1.18 21.30 33.43
CA ARG G 55 -1.76 21.50 34.77
C ARG G 55 -3.25 21.89 34.68
N ALA G 56 -3.58 22.75 33.72
CA ALA G 56 -5.00 23.16 33.51
C ALA G 56 -5.88 21.99 33.14
N MET G 57 -5.35 21.09 32.35
CA MET G 57 -6.18 20.01 31.80
C MET G 57 -6.25 18.83 32.75
N ALA G 58 -5.27 18.72 33.64
CA ALA G 58 -5.20 17.68 34.66
C ALA G 58 -6.55 17.30 35.27
N PRO G 59 -7.32 18.27 35.79
CA PRO G 59 -8.60 17.89 36.41
C PRO G 59 -9.57 17.15 35.47
N TYR G 60 -9.38 17.23 34.16
CA TYR G 60 -10.36 16.73 33.21
C TYR G 60 -10.04 15.37 32.62
N LEU G 61 -8.89 14.81 33.00
CA LEU G 61 -8.51 13.52 32.46
C LEU G 61 -9.13 12.37 33.27
N GLU G 62 -9.50 11.29 32.60
CA GLU G 62 -9.89 10.09 33.34
C GLU G 62 -8.64 9.37 33.84
N PRO G 63 -8.77 8.55 34.91
CA PRO G 63 -7.86 7.43 35.12
C PRO G 63 -7.41 6.75 33.81
N GLY G 64 -6.09 6.70 33.60
CA GLY G 64 -5.54 6.06 32.42
C GLY G 64 -5.37 7.00 31.25
N GLU G 65 -5.92 8.21 31.35
CA GLU G 65 -5.67 9.19 30.31
C GLU G 65 -4.45 10.04 30.60
N GLY G 66 -3.76 10.47 29.56
CA GLY G 66 -2.75 11.52 29.66
C GLY G 66 -2.81 12.37 28.41
N SER G 67 -1.70 13.05 28.07
CA SER G 67 -1.68 13.85 26.84
C SER G 67 -0.29 14.10 26.32
N LEU G 68 -0.19 14.39 25.04
CA LEU G 68 1.07 14.82 24.47
C LEU G 68 0.89 16.12 23.70
N GLY G 69 1.93 16.93 23.71
CA GLY G 69 2.00 18.09 22.84
C GLY G 69 2.17 17.68 21.41
N THR G 70 1.27 18.13 20.56
CA THR G 70 1.32 17.85 19.14
C THR G 70 1.80 19.05 18.29
N ALA G 71 1.90 20.24 18.88
CA ALA G 71 2.39 21.38 18.12
C ALA G 71 2.61 22.60 19.00
N ILE G 72 3.66 23.38 18.70
CA ILE G 72 4.00 24.63 19.41
C ILE G 72 4.38 25.73 18.40
N CYS G 73 3.85 26.93 18.59
CA CYS G 73 4.02 28.00 17.61
C CYS G 73 4.04 29.29 18.42
N VAL G 74 5.24 29.77 18.71
CA VAL G 74 5.41 30.94 19.53
C VAL G 74 6.40 31.96 18.94
N THR G 75 6.22 33.23 19.27
CA THR G 75 7.30 34.22 19.12
C THR G 75 8.07 34.31 20.44
N HIS G 76 9.32 34.75 20.40
CA HIS G 76 10.11 34.91 21.60
C HIS G 76 10.86 36.21 21.33
N THR G 77 10.35 37.29 21.94
CA THR G 77 10.59 38.68 21.46
C THR G 77 11.31 39.59 22.48
N ALA G 78 11.62 39.09 23.66
CA ALA G 78 12.46 39.82 24.59
C ALA G 78 13.21 38.76 25.40
N ALA G 79 14.44 39.05 25.85
CA ALA G 79 15.24 38.10 26.60
C ALA G 79 15.06 38.24 28.10
N THR G 80 15.22 37.14 28.81
CA THR G 80 15.02 37.14 30.26
C THR G 80 16.22 36.53 30.98
N PRO G 81 16.95 37.34 31.75
CA PRO G 81 18.01 36.88 32.66
C PRO G 81 17.45 36.17 33.89
N PRO G 82 18.25 35.29 34.52
CA PRO G 82 17.81 34.57 35.72
C PRO G 82 17.44 35.54 36.84
N GLY G 83 16.41 35.19 37.63
CA GLY G 83 15.92 36.08 38.69
C GLY G 83 14.64 36.88 38.46
N LEU G 84 14.29 37.14 37.20
CA LEU G 84 12.93 37.63 36.90
C LEU G 84 11.90 36.53 37.03
N THR G 85 10.66 36.92 37.34
CA THR G 85 9.59 35.96 37.38
C THR G 85 8.94 35.92 36.01
N VAL G 86 8.91 34.73 35.41
CA VAL G 86 8.12 34.50 34.19
C VAL G 86 6.72 34.00 34.54
N THR G 87 5.72 34.77 34.07
CA THR G 87 4.32 34.40 34.18
C THR G 87 3.77 33.90 32.86
N VAL G 88 3.27 32.66 32.86
CA VAL G 88 2.67 32.12 31.67
C VAL G 88 1.17 32.04 31.87
N THR G 89 0.42 32.35 30.82
CA THR G 89 -1.03 32.21 30.83
C THR G 89 -1.45 31.38 29.66
N ALA G 90 -2.25 30.34 29.95
CA ALA G 90 -2.78 29.43 28.98
C ALA G 90 -4.30 29.64 28.91
N GLU G 91 -4.84 29.87 27.70
CA GLU G 91 -6.28 30.01 27.51
C GLU G 91 -6.75 28.97 26.51
N LEU G 92 -7.71 28.16 26.90
CA LEU G 92 -8.20 27.15 25.96
C LEU G 92 -8.94 27.86 24.83
N ARG G 93 -8.61 27.52 23.58
CA ARG G 93 -9.23 28.16 22.42
C ARG G 93 -10.17 27.22 21.70
N SER G 94 -9.82 25.94 21.63
CA SER G 94 -10.73 24.97 21.02
C SER G 94 -10.53 23.61 21.61
N VAL G 95 -11.59 22.81 21.57
CA VAL G 95 -11.52 21.41 22.02
C VAL G 95 -12.26 20.63 20.93
N GLU G 96 -11.59 19.68 20.28
CA GLU G 96 -12.22 18.95 19.17
C GLU G 96 -11.89 17.45 19.27
N GLY G 97 -12.81 16.66 19.84
CA GLY G 97 -12.52 15.27 20.15
C GLY G 97 -11.48 15.20 21.25
N ARG G 98 -10.33 14.62 20.93
CA ARG G 98 -9.17 14.51 21.83
C ARG G 98 -8.13 15.63 21.58
N ARG G 99 -8.47 16.63 20.78
CA ARG G 99 -7.52 17.69 20.42
C ARG G 99 -7.82 19.00 21.13
N LEU G 100 -6.86 19.48 21.91
CA LEU G 100 -6.99 20.76 22.57
C LEU G 100 -6.05 21.81 21.99
N SER G 101 -6.52 23.04 21.87
CA SER G 101 -5.69 24.12 21.39
C SER G 101 -5.71 25.28 22.39
N TRP G 102 -4.51 25.68 22.82
CA TRP G 102 -4.31 26.73 23.80
C TRP G 102 -3.65 27.94 23.17
N ARG G 103 -4.13 29.11 23.53
CA ARG G 103 -3.33 30.30 23.36
C ARG G 103 -2.45 30.40 24.61
N VAL G 104 -1.15 30.48 24.41
CA VAL G 104 -0.21 30.72 25.50
C VAL G 104 0.46 32.09 25.32
N SER G 105 0.74 32.80 26.43
CA SER G 105 1.53 34.04 26.40
C SER G 105 2.47 34.09 27.61
N ALA G 106 3.51 34.93 27.58
CA ALA G 106 4.44 35.00 28.72
C ALA G 106 5.08 36.40 28.88
N HIS G 107 5.32 36.80 30.13
CA HIS G 107 6.11 38.01 30.40
C HIS G 107 6.93 37.79 31.65
N ASP G 108 8.02 38.52 31.70
CA ASP G 108 8.96 38.39 32.81
C ASP G 108 8.78 39.50 33.83
N GLY G 109 7.67 40.19 33.74
CA GLY G 109 7.36 41.28 34.66
C GLY G 109 7.99 42.57 34.17
N VAL G 110 8.84 42.49 33.16
CA VAL G 110 9.32 43.71 32.51
C VAL G 110 8.73 43.85 31.11
N ASP G 111 8.89 42.80 30.30
CA ASP G 111 8.42 42.75 28.92
C ASP G 111 7.52 41.53 28.77
N GLU G 112 6.61 41.59 27.80
CA GLU G 112 6.07 40.41 27.16
C GLU G 112 7.21 39.71 26.48
N ILE G 113 7.41 38.42 26.73
CA ILE G 113 8.58 37.76 26.15
C ILE G 113 8.22 36.84 24.99
N GLY G 114 6.94 36.49 24.89
CA GLY G 114 6.48 35.55 23.84
C GLY G 114 4.99 35.22 23.91
N SER G 115 4.45 34.65 22.82
CA SER G 115 3.07 34.21 22.78
C SER G 115 2.77 33.46 21.49
N GLY G 116 1.65 32.75 21.47
CA GLY G 116 1.36 31.86 20.37
C GLY G 116 0.39 30.80 20.78
N THR G 117 0.49 29.61 20.20
CA THR G 117 -0.40 28.53 20.57
C THR G 117 0.30 27.23 20.87
N HIS G 118 -0.36 26.38 21.65
CA HIS G 118 0.10 25.04 21.88
C HIS G 118 -1.05 24.01 21.68
N GLU G 119 -0.74 22.90 21.07
CA GLU G 119 -1.79 21.91 20.92
C GLU G 119 -1.43 20.60 21.55
N ARG G 120 -2.43 19.98 22.15
CA ARG G 120 -2.30 18.68 22.76
C ARG G 120 -3.36 17.69 22.28
N ALA G 121 -2.98 16.40 22.27
CA ALA G 121 -3.87 15.27 22.08
C ALA G 121 -4.00 14.45 23.37
N VAL G 122 -5.23 14.06 23.72
CA VAL G 122 -5.47 13.17 24.86
C VAL G 122 -5.17 11.73 24.43
N ILE G 123 -4.34 11.01 25.18
CA ILE G 123 -4.03 9.60 24.88
C ILE G 123 -4.51 8.60 25.96
N HIS G 124 -4.64 7.33 25.59
CA HIS G 124 -4.63 6.25 26.56
C HIS G 124 -3.16 6.07 26.87
N LEU G 125 -2.76 6.41 28.09
CA LEU G 125 -1.33 6.43 28.42
C LEU G 125 -0.61 5.09 28.26
N GLU G 126 -1.15 4.03 28.84
CA GLU G 126 -0.51 2.72 28.82
C GLU G 126 -0.51 2.06 27.45
N LYS G 127 -1.57 2.29 26.68
CA LYS G 127 -1.57 1.89 25.28
C LYS G 127 -0.48 2.62 24.53
N PHE G 128 -0.40 3.95 24.70
CA PHE G 128 0.68 4.71 24.10
C PHE G 128 2.05 4.20 24.55
N ASN G 129 2.26 4.01 25.86
CA ASN G 129 3.53 3.44 26.34
C ASN G 129 3.89 2.09 25.73
N ALA G 130 2.88 1.24 25.58
CA ALA G 130 3.06 -0.02 24.85
C ALA G 130 3.66 0.24 23.46
N LYS G 131 3.18 1.27 22.77
CA LYS G 131 3.63 1.57 21.40
C LYS G 131 5.05 2.10 21.29
N VAL G 132 5.47 2.93 22.24
CA VAL G 132 6.84 3.41 22.21
C VAL G 132 7.79 2.32 22.69
N ARG G 133 7.33 1.48 23.59
CA ARG G 133 8.05 0.24 23.89
C ARG G 133 8.32 -0.59 22.62
N GLN G 134 7.37 -0.62 21.68
CA GLN G 134 7.54 -1.37 20.44
C GLN G 134 8.61 -0.81 19.48
N LYS G 135 8.82 0.51 19.49
CA LYS G 135 9.85 1.07 18.63
C LYS G 135 11.10 1.45 19.39
N THR G 136 11.16 1.13 20.68
CA THR G 136 12.40 1.30 21.45
C THR G 136 13.44 0.32 20.90
N PRO G 137 14.58 0.85 20.43
CA PRO G 137 15.39 0.01 19.57
C PRO G 137 15.97 -1.15 20.38
N MET H 5 24.55 34.14 3.28
CA MET H 5 24.44 32.67 2.94
C MET H 5 23.31 32.45 1.95
N ARG H 6 23.36 31.37 1.18
CA ARG H 6 22.41 31.22 0.08
C ARG H 6 21.06 30.58 0.48
N VAL H 7 19.98 31.29 0.18
CA VAL H 7 18.61 30.75 0.26
C VAL H 7 18.51 29.37 -0.39
N GLY H 8 18.02 28.36 0.35
CA GLY H 8 18.03 26.99 -0.13
C GLY H 8 19.18 26.11 0.39
N GLU H 9 20.11 26.67 1.14
CA GLU H 9 21.20 25.87 1.74
C GLU H 9 20.58 24.99 2.80
N ARG H 10 20.99 23.74 2.83
CA ARG H 10 20.46 22.75 3.77
C ARG H 10 21.63 22.38 4.66
N PHE H 11 21.37 22.16 5.93
CA PHE H 11 22.41 21.60 6.78
C PHE H 11 21.67 20.56 7.58
N THR H 12 22.26 19.39 7.77
CA THR H 12 21.59 18.41 8.61
C THR H 12 22.51 17.86 9.69
N HIS H 13 21.87 17.36 10.72
CA HIS H 13 22.35 17.35 12.08
C HIS H 13 21.74 16.08 12.71
N ASP H 14 22.54 15.09 13.14
CA ASP H 14 22.05 13.86 13.79
C ASP H 14 22.36 13.81 15.31
N PHE H 15 21.45 13.25 16.13
CA PHE H 15 21.56 13.27 17.60
C PHE H 15 20.98 11.96 18.10
N VAL H 16 21.79 11.03 18.63
CA VAL H 16 21.20 9.81 19.23
C VAL H 16 20.56 10.25 20.56
N VAL H 17 19.25 10.04 20.73
CA VAL H 17 18.54 10.55 21.91
C VAL H 17 19.02 9.80 23.16
N PRO H 18 19.60 10.53 24.12
CA PRO H 18 19.99 9.93 25.40
C PRO H 18 18.80 9.88 26.38
N PRO H 19 18.90 9.04 27.45
CA PRO H 19 17.77 8.98 28.41
C PRO H 19 17.46 10.31 29.08
N HIS H 20 18.42 11.23 29.11
CA HIS H 20 18.24 12.51 29.82
C HIS H 20 17.67 13.65 28.98
N LYS H 21 17.11 13.32 27.81
CA LYS H 21 16.41 14.32 27.04
C LYS H 21 14.93 13.99 26.95
N THR H 22 14.42 13.22 27.92
CA THR H 22 13.01 12.89 27.87
C THR H 22 12.28 13.98 28.63
N VAL H 23 10.97 13.96 28.60
CA VAL H 23 10.20 15.12 29.07
C VAL H 23 10.45 15.47 30.54
N ARG H 24 10.54 14.46 31.40
CA ARG H 24 10.80 14.70 32.83
C ARG H 24 12.17 15.33 33.09
N HIS H 25 13.10 15.21 32.15
CA HIS H 25 14.40 15.84 32.28
C HIS H 25 14.46 17.31 31.85
N LEU H 26 13.43 17.79 31.17
CA LEU H 26 13.41 19.20 30.74
C LEU H 26 13.09 20.16 31.91
N TYR H 27 12.09 19.79 32.73
CA TYR H 27 11.87 20.40 34.05
C TYR H 27 11.94 19.31 35.15
N PRO H 28 13.17 19.03 35.62
CA PRO H 28 13.34 17.99 36.64
C PRO H 28 12.56 18.30 37.92
N GLU H 29 12.30 19.59 38.12
CA GLU H 29 11.52 20.12 39.22
C GLU H 29 9.99 20.11 38.96
N SER H 30 9.54 19.37 37.96
CA SER H 30 8.12 19.29 37.69
C SER H 30 7.50 18.03 38.27
N PRO H 31 6.68 18.21 39.32
CA PRO H 31 6.01 17.01 39.78
C PRO H 31 5.09 16.54 38.69
N GLU H 32 4.52 17.49 37.94
CA GLU H 32 3.50 17.16 36.93
C GLU H 32 4.02 16.44 35.69
N PHE H 33 5.31 16.56 35.41
CA PHE H 33 5.93 15.81 34.31
C PHE H 33 6.56 14.54 34.83
N ALA H 34 6.68 14.42 36.15
CA ALA H 34 7.55 13.39 36.72
C ALA H 34 7.29 12.00 36.13
N GLU H 35 6.05 11.75 35.75
CA GLU H 35 5.60 10.42 35.33
C GLU H 35 5.13 10.32 33.87
N PHE H 36 5.37 11.37 33.08
CA PHE H 36 5.18 11.31 31.64
C PHE H 36 5.92 10.16 30.98
N PRO H 37 5.52 9.78 29.77
CA PRO H 37 6.23 8.76 29.01
C PRO H 37 7.66 9.18 28.68
N GLU H 38 8.54 8.20 28.53
CA GLU H 38 9.96 8.46 28.35
C GLU H 38 10.34 8.72 26.89
N VAL H 39 10.05 9.92 26.43
CA VAL H 39 10.16 10.22 24.99
C VAL H 39 10.83 11.59 24.90
N PHE H 40 11.50 11.86 23.78
CA PHE H 40 12.22 13.14 23.52
C PHE H 40 11.27 14.32 23.73
N ALA H 41 11.57 15.22 24.66
CA ALA H 41 10.69 16.39 24.92
C ALA H 41 10.62 17.31 23.71
N THR H 42 9.48 17.97 23.52
CA THR H 42 9.28 18.97 22.43
C THR H 42 10.20 20.15 22.61
N GLY H 43 10.49 20.49 23.86
CA GLY H 43 11.42 21.56 24.17
C GLY H 43 12.84 21.21 23.73
N PHE H 44 13.27 19.97 23.98
CA PHE H 44 14.57 19.50 23.47
C PHE H 44 14.60 19.40 21.95
N MET H 45 13.50 18.99 21.32
CA MET H 45 13.43 19.01 19.85
C MET H 45 13.63 20.45 19.31
N VAL H 46 12.98 21.43 19.95
CA VAL H 46 13.09 22.83 19.51
C VAL H 46 14.53 23.26 19.62
N GLY H 47 15.16 22.85 20.74
CA GLY H 47 16.58 23.12 20.96
C GLY H 47 17.49 22.47 19.93
N LEU H 48 17.22 21.21 19.57
CA LEU H 48 18.01 20.54 18.55
C LEU H 48 17.83 21.18 17.20
N MET H 49 16.60 21.58 16.88
CA MET H 49 16.37 22.30 15.60
C MET H 49 17.07 23.68 15.56
N GLU H 50 17.03 24.42 16.67
CA GLU H 50 17.76 25.69 16.73
C GLU H 50 19.26 25.47 16.51
N TRP H 51 19.75 24.40 17.15
CA TRP H 51 21.17 24.07 17.13
C TRP H 51 21.64 23.87 15.70
N ALA H 52 20.83 23.22 14.87
CA ALA H 52 21.14 23.03 13.44
C ALA H 52 21.22 24.38 12.74
N CYS H 53 20.29 25.28 13.02
CA CYS H 53 20.36 26.67 12.49
C CYS H 53 21.54 27.50 12.94
N VAL H 54 21.82 27.51 14.25
CA VAL H 54 23.05 28.12 14.75
C VAL H 54 24.32 27.60 14.06
N ARG H 55 24.48 26.29 13.95
CA ARG H 55 25.65 25.82 13.20
C ARG H 55 25.70 26.25 11.73
N ALA H 56 24.59 26.20 11.01
CA ALA H 56 24.63 26.52 9.59
C ALA H 56 25.06 27.99 9.39
N MET H 57 24.60 28.84 10.30
CA MET H 57 24.80 30.29 10.25
C MET H 57 26.20 30.67 10.61
N ALA H 58 26.82 29.89 11.49
CA ALA H 58 28.08 30.32 12.11
C ALA H 58 29.13 30.79 11.12
N PRO H 59 29.29 30.09 9.98
CA PRO H 59 30.42 30.55 9.14
C PRO H 59 30.21 31.92 8.48
N TYR H 60 29.03 32.49 8.67
CA TYR H 60 28.59 33.69 7.97
C TYR H 60 28.42 34.87 8.89
N LEU H 61 28.72 34.66 10.18
CA LEU H 61 28.70 35.73 11.17
C LEU H 61 30.10 36.29 11.36
N GLU H 62 30.17 37.59 11.62
CA GLU H 62 31.40 38.32 11.89
C GLU H 62 31.80 38.12 13.35
N PRO H 63 33.10 38.25 13.66
CA PRO H 63 33.54 38.22 15.07
C PRO H 63 32.70 39.17 15.95
N GLY H 64 32.10 38.63 17.00
CA GLY H 64 31.27 39.46 17.88
C GLY H 64 29.77 39.53 17.60
N GLU H 65 29.32 38.96 16.48
CA GLU H 65 27.91 38.72 16.24
C GLU H 65 27.51 37.35 16.81
N GLY H 66 26.30 37.27 17.35
CA GLY H 66 25.64 35.99 17.52
C GLY H 66 24.24 36.09 16.94
N SER H 67 23.36 35.22 17.41
CA SER H 67 21.95 35.29 17.01
C SER H 67 21.07 34.71 18.10
N LEU H 68 19.80 35.11 18.10
CA LEU H 68 18.81 34.50 18.97
C LEU H 68 17.59 34.05 18.17
N GLY H 69 16.91 33.02 18.67
CA GLY H 69 15.73 32.52 17.99
C GLY H 69 14.59 33.45 18.34
N THR H 70 13.84 33.90 17.35
CA THR H 70 12.74 34.84 17.59
C THR H 70 11.36 34.27 17.39
N ALA H 71 11.29 33.10 16.77
CA ALA H 71 10.03 32.43 16.54
C ALA H 71 10.29 30.97 16.30
N ILE H 72 9.40 30.12 16.77
CA ILE H 72 9.43 28.70 16.39
C ILE H 72 7.99 28.30 16.13
N CYS H 73 7.74 27.69 14.98
CA CYS H 73 6.41 27.11 14.69
C CYS H 73 6.56 25.71 14.09
N VAL H 74 6.23 24.68 14.86
CA VAL H 74 6.50 23.30 14.45
C VAL H 74 5.43 22.39 15.00
N THR H 75 5.16 21.29 14.30
CA THR H 75 4.45 20.13 14.83
C THR H 75 5.35 19.10 15.49
N HIS H 76 4.75 18.27 16.34
CA HIS H 76 5.48 17.19 16.93
C HIS H 76 4.59 15.95 16.90
N THR H 77 4.86 15.09 15.93
CA THR H 77 3.82 14.19 15.46
C THR H 77 4.07 12.71 15.74
N ALA H 78 5.19 12.40 16.40
CA ALA H 78 5.56 11.04 16.65
C ALA H 78 6.47 11.08 17.84
N ALA H 79 6.34 10.09 18.72
CA ALA H 79 7.18 10.06 19.89
C ALA H 79 8.42 9.18 19.66
N THR H 80 9.54 9.62 20.20
CA THR H 80 10.85 9.01 20.00
C THR H 80 11.47 8.56 21.33
N PRO H 81 11.67 7.26 21.50
CA PRO H 81 12.30 6.76 22.71
C PRO H 81 13.83 6.86 22.65
N PRO H 82 14.52 7.02 23.81
CA PRO H 82 15.97 7.02 23.88
C PRO H 82 16.60 5.93 23.02
N GLY H 83 17.67 6.29 22.34
CA GLY H 83 18.43 5.31 21.56
C GLY H 83 18.26 5.47 20.06
N LEU H 84 17.19 6.11 19.62
CA LEU H 84 17.00 6.33 18.18
C LEU H 84 17.81 7.56 17.79
N THR H 85 18.19 7.67 16.52
CA THR H 85 18.94 8.83 16.02
C THR H 85 17.98 9.82 15.40
N VAL H 86 17.84 11.00 15.99
CA VAL H 86 17.01 12.03 15.36
C VAL H 86 17.85 12.75 14.34
N THR H 87 17.34 12.92 13.13
CA THR H 87 18.01 13.72 12.09
C THR H 87 17.20 15.00 11.89
N VAL H 88 17.85 16.15 12.07
CA VAL H 88 17.21 17.45 11.94
C VAL H 88 17.78 18.12 10.71
N THR H 89 16.90 18.47 9.75
CA THR H 89 17.34 19.25 8.58
C THR H 89 16.89 20.68 8.71
N ALA H 90 17.81 21.60 8.42
CA ALA H 90 17.55 23.05 8.48
C ALA H 90 17.87 23.66 7.11
N GLU H 91 16.89 24.38 6.57
CA GLU H 91 16.97 24.90 5.20
C GLU H 91 16.68 26.39 5.27
N LEU H 92 17.58 27.22 4.73
CA LEU H 92 17.37 28.67 4.71
C LEU H 92 16.27 29.07 3.72
N ARG H 93 15.22 29.72 4.21
CA ARG H 93 14.17 30.23 3.33
C ARG H 93 14.40 31.68 2.87
N SER H 94 14.99 32.52 3.71
CA SER H 94 15.15 33.94 3.40
C SER H 94 16.00 34.71 4.41
N VAL H 95 16.52 35.85 3.96
CA VAL H 95 17.28 36.76 4.81
C VAL H 95 16.79 38.18 4.51
N GLU H 96 16.25 38.84 5.53
CA GLU H 96 15.83 40.24 5.47
C GLU H 96 16.60 40.98 6.55
N GLY H 97 17.59 41.75 6.12
CA GLY H 97 18.49 42.40 7.04
C GLY H 97 19.02 41.40 8.04
N ARG H 98 18.72 41.64 9.31
CA ARG H 98 19.31 40.85 10.39
C ARG H 98 18.46 39.58 10.74
N ARG H 99 17.38 39.34 10.00
CA ARG H 99 16.48 38.22 10.28
C ARG H 99 16.54 37.09 9.25
N LEU H 100 16.67 35.87 9.74
CA LEU H 100 16.83 34.68 8.91
C LEU H 100 15.68 33.74 9.21
N SER H 101 15.07 33.18 8.18
CA SER H 101 14.01 32.21 8.38
C SER H 101 14.51 30.90 7.83
N TRP H 102 14.05 29.83 8.45
CA TRP H 102 14.48 28.49 8.18
C TRP H 102 13.26 27.61 8.09
N ARG H 103 13.35 26.63 7.22
CA ARG H 103 12.51 25.47 7.37
C ARG H 103 13.31 24.45 8.16
N VAL H 104 12.64 23.81 9.13
CA VAL H 104 13.25 22.81 9.96
C VAL H 104 12.40 21.53 9.94
N SER H 105 13.06 20.38 9.91
CA SER H 105 12.40 19.09 9.90
C SER H 105 13.13 18.07 10.71
N ALA H 106 12.43 17.08 11.25
CA ALA H 106 13.06 16.07 12.09
C ALA H 106 12.43 14.75 11.75
N HIS H 107 13.24 13.69 11.75
CA HIS H 107 12.72 12.31 11.76
C HIS H 107 13.58 11.44 12.69
N ASP H 108 13.04 10.34 13.20
CA ASP H 108 13.89 9.55 14.10
C ASP H 108 14.44 8.26 13.50
N GLY H 109 14.53 8.21 12.19
CA GLY H 109 14.87 6.95 11.54
C GLY H 109 13.67 6.04 11.33
N VAL H 110 12.63 6.18 12.16
CA VAL H 110 11.44 5.33 12.02
C VAL H 110 10.24 6.15 11.60
N ASP H 111 10.11 7.34 12.18
CA ASP H 111 9.00 8.22 11.87
C ASP H 111 9.51 9.63 11.54
N GLU H 112 8.77 10.36 10.73
CA GLU H 112 8.88 11.81 10.67
C GLU H 112 8.35 12.32 12.02
N ILE H 113 9.11 13.16 12.73
CA ILE H 113 8.65 13.53 14.07
C ILE H 113 8.14 14.96 14.21
N GLY H 114 8.42 15.81 13.24
CA GLY H 114 8.05 17.21 13.36
C GLY H 114 8.65 18.04 12.25
N SER H 115 8.01 19.15 11.95
CA SER H 115 8.53 20.11 10.97
C SER H 115 7.77 21.44 11.10
N GLY H 116 8.30 22.46 10.43
CA GLY H 116 7.80 23.81 10.54
C GLY H 116 8.90 24.82 10.24
N THR H 117 8.89 25.94 10.97
CA THR H 117 9.72 27.11 10.68
C THR H 117 10.35 27.63 11.98
N HIS H 118 11.44 28.35 11.81
CA HIS H 118 12.15 28.95 12.91
C HIS H 118 12.71 30.25 12.36
N GLU H 119 12.62 31.32 13.15
CA GLU H 119 13.18 32.60 12.71
C GLU H 119 14.28 32.99 13.72
N ARG H 120 15.43 33.47 13.22
CA ARG H 120 16.50 33.95 14.10
C ARG H 120 16.83 35.42 13.81
N ALA H 121 17.38 36.12 14.80
CA ALA H 121 17.83 37.50 14.63
C ALA H 121 19.32 37.58 14.90
N VAL H 122 20.08 38.06 13.91
CA VAL H 122 21.50 38.29 14.09
C VAL H 122 21.62 39.42 15.11
N ILE H 123 22.48 39.23 16.12
CA ILE H 123 22.72 40.21 17.17
C ILE H 123 24.18 40.55 17.39
N HIS H 124 24.34 41.85 17.59
CA HIS H 124 25.26 42.58 18.45
C HIS H 124 25.69 42.00 19.82
N LEU H 125 26.61 41.03 19.92
CA LEU H 125 26.78 40.30 21.21
C LEU H 125 26.96 41.12 22.50
N GLU H 126 27.89 42.07 22.48
CA GLU H 126 28.20 42.92 23.65
C GLU H 126 27.12 43.97 23.88
N LYS H 127 26.64 44.60 22.80
CA LYS H 127 25.46 45.45 22.87
C LYS H 127 24.29 44.73 23.52
N PHE H 128 23.99 43.53 23.01
CA PHE H 128 22.95 42.68 23.58
C PHE H 128 23.10 42.35 25.09
N ASN H 129 24.25 41.86 25.49
CA ASN H 129 24.50 41.64 26.92
C ASN H 129 24.28 42.89 27.78
N ALA H 130 24.68 44.07 27.28
CA ALA H 130 24.36 45.33 27.97
C ALA H 130 22.84 45.58 28.11
N LYS H 131 22.05 45.16 27.12
CA LYS H 131 20.62 45.35 27.22
C LYS H 131 20.03 44.37 28.24
N VAL H 132 20.58 43.16 28.28
CA VAL H 132 20.15 42.15 29.22
C VAL H 132 20.51 42.58 30.64
N ARG H 133 21.65 43.24 30.79
CA ARG H 133 22.13 43.66 32.10
C ARG H 133 21.22 44.71 32.69
N GLN H 134 20.47 45.39 31.84
CA GLN H 134 19.48 46.37 32.29
C GLN H 134 18.28 45.82 33.03
N LYS H 135 17.98 44.53 32.83
CA LYS H 135 16.85 43.93 33.55
C LYS H 135 17.20 42.78 34.49
N THR H 136 18.49 42.62 34.81
CA THR H 136 18.90 41.59 35.78
C THR H 136 18.76 42.18 37.18
N PRO H 137 18.12 41.43 38.09
CA PRO H 137 17.84 41.78 39.49
C PRO H 137 18.97 42.45 40.29
C2 ENV I . -11.76 -31.93 -24.90
C3 ENV I . -12.20 -30.48 -25.14
C4 ENV I . -11.63 -32.52 -23.49
F4 ENV I . -11.19 -29.53 -25.16
O5 ENV I . -11.48 -32.61 -25.88
C6 ENV I . -12.63 -33.62 -23.12
C7 ENV I . -11.98 -34.73 -22.28
N8 ENV I . -11.77 -34.51 -20.84
C9 ENV I . -12.45 -35.22 -19.92
C10 ENV I . -13.48 -36.19 -20.43
O11 ENV I . -12.32 -35.11 -18.71
C2 ENV J . -3.08 -31.66 7.60
C3 ENV J . -1.90 -30.80 7.17
C4 ENV J . -3.25 -33.00 6.92
F4 ENV J . -2.22 -29.69 6.43
O5 ENV J . -3.89 -31.33 8.48
C6 ENV J . -3.21 -32.78 5.43
C7 ENV J . -4.44 -33.33 4.74
N8 ENV J . -4.24 -34.74 4.44
C9 ENV J . -5.22 -35.59 4.75
C10 ENV J . -4.97 -37.02 4.41
O11 ENV J . -6.25 -35.22 5.28
#